data_4YYY
#
_entry.id   4YYY
#
_cell.length_a   193.933
_cell.length_b   193.933
_cell.length_c   57.730
_cell.angle_alpha   90.000
_cell.angle_beta   90.000
_cell.angle_gamma   90.000
#
_symmetry.space_group_name_H-M   'I 4'
#
loop_
_entity.id
_entity.type
_entity.pdbx_description
1 polymer 'Thymidine phosphorylase'
2 non-polymer 'CITRIC ACID'
3 non-polymer 'TRIETHYLENE GLYCOL'
4 non-polymer URIDINE
5 water water
#
_entity_poly.entity_id   1
_entity_poly.type   'polypeptide(L)'
_entity_poly.pdbx_seq_one_letter_code
;MFLAQEIIRKKRDGHALSDEEIRFFINGIRDNTISEGQIAALAMTIFFHDMTMPERVSLTMAMRDSGTVLDWKSLNLNGP
IVDKHSTGGVGDVTSLMLGPMVAACGGYVPMISGRGLGHTGGTLDKLEAIPGFDIFPDDNRFREIIQDVGVAIIGQTSSL
APADKRFYATRDITATVDSIPLITGSILAKKLAEGLDALVMDVKVGSGAFMPTYELSEALAEAIVGVANGAGVRTTALLT
DMNQVLASSAGNAVEVREAVQFLTGEYRNPRLFDVTMALCVEMLISGQLAKDDAEARAKLQAVLDNGKAAEVFGRMVAAQ
KGPSDFVENYDKYLPTAMLSKAVYADTEGFISAMDTRALGMAVVSMGGGRRQASDTIDYSVGFTDMARLGDSIDGQRPLA
VIHAKDEASWQEAAKAVKAAIILDDKAPASTPSVYRRITE
;
_entity_poly.pdbx_strand_id   A,B
#
loop_
_chem_comp.id
_chem_comp.type
_chem_comp.name
_chem_comp.formula
CIT non-polymer 'CITRIC ACID' 'C6 H8 O7'
PGE non-polymer 'TRIETHYLENE GLYCOL' 'C6 H14 O4'
URI non-polymer URIDINE 'C9 H12 N2 O6'
#
# COMPACT_ATOMS: atom_id res chain seq x y z
N MET A 1 -15.61 25.01 14.74
CA MET A 1 -16.09 26.15 13.98
C MET A 1 -16.21 25.78 12.50
N PHE A 2 -17.09 26.48 11.77
CA PHE A 2 -17.31 26.17 10.36
C PHE A 2 -17.57 27.40 9.48
N LEU A 3 -16.53 27.80 8.73
CA LEU A 3 -16.57 28.83 7.68
C LEU A 3 -16.96 28.19 6.36
N ALA A 4 -16.78 26.87 6.31
CA ALA A 4 -17.17 26.05 5.18
C ALA A 4 -18.63 26.25 4.78
N GLN A 5 -19.49 26.44 5.79
CA GLN A 5 -20.92 26.58 5.54
C GLN A 5 -21.25 27.82 4.73
N GLU A 6 -20.57 28.92 5.02
CA GLU A 6 -20.70 30.10 4.18
C GLU A 6 -20.36 29.76 2.73
N ILE A 7 -19.23 29.11 2.54
CA ILE A 7 -18.76 28.72 1.21
C ILE A 7 -19.81 27.88 0.50
N ILE A 8 -20.35 26.89 1.20
CA ILE A 8 -21.42 26.08 0.65
C ILE A 8 -22.61 26.95 0.24
N ARG A 9 -23.06 27.82 1.16
CA ARG A 9 -24.21 28.72 0.91
C ARG A 9 -24.01 29.57 -0.35
N LYS A 10 -22.84 30.19 -0.45
CA LYS A 10 -22.39 30.94 -1.63
C LYS A 10 -22.61 30.19 -2.95
N LYS A 11 -22.02 29.01 -3.07
CA LYS A 11 -22.06 28.27 -4.33
C LYS A 11 -23.45 27.70 -4.58
N ARG A 12 -24.16 27.36 -3.49
CA ARG A 12 -25.54 26.86 -3.54
C ARG A 12 -26.51 27.83 -4.23
N ASP A 13 -26.29 29.13 -4.03
CA ASP A 13 -27.13 30.14 -4.67
C ASP A 13 -26.57 30.53 -6.03
N GLY A 14 -25.75 29.64 -6.59
CA GLY A 14 -25.28 29.80 -7.94
C GLY A 14 -24.22 30.87 -8.10
N HIS A 15 -23.67 31.35 -7.00
CA HIS A 15 -22.50 32.21 -7.11
C HIS A 15 -21.24 31.41 -7.55
N ALA A 16 -20.18 32.15 -7.88
CA ALA A 16 -18.93 31.51 -8.25
C ALA A 16 -17.93 31.60 -7.10
N LEU A 17 -17.32 30.48 -6.71
CA LEU A 17 -16.38 30.49 -5.59
C LEU A 17 -15.06 31.14 -6.01
N SER A 18 -14.35 31.73 -5.06
CA SER A 18 -13.05 32.35 -5.34
C SER A 18 -11.93 31.35 -5.18
N ASP A 19 -10.79 31.66 -5.78
CA ASP A 19 -9.57 30.88 -5.63
C ASP A 19 -9.25 30.66 -4.15
N GLU A 20 -9.20 31.76 -3.39
CA GLU A 20 -8.92 31.71 -1.96
C GLU A 20 -9.86 30.77 -1.20
N GLU A 21 -11.13 30.77 -1.56
CA GLU A 21 -12.12 29.96 -0.85
C GLU A 21 -12.06 28.52 -1.30
N ILE A 22 -11.91 28.35 -2.61
CA ILE A 22 -11.73 27.03 -3.20
C ILE A 22 -10.51 26.34 -2.60
N ARG A 23 -9.42 27.07 -2.42
CA ARG A 23 -8.23 26.52 -1.78
C ARG A 23 -8.47 26.21 -0.31
N PHE A 24 -9.25 27.05 0.37
CA PHE A 24 -9.59 26.82 1.78
C PHE A 24 -10.28 25.48 1.96
N PHE A 25 -11.34 25.27 1.20
CA PHE A 25 -12.22 24.13 1.38
C PHE A 25 -11.54 22.79 1.15
N ILE A 26 -10.74 22.70 0.09
CA ILE A 26 -10.19 21.40 -0.21
C ILE A 26 -9.09 21.10 0.83
N ASN A 27 -8.29 22.11 1.20
CA ASN A 27 -7.29 21.97 2.25
C ASN A 27 -7.88 21.46 3.56
N GLY A 28 -9.15 21.78 3.80
CA GLY A 28 -9.83 21.33 4.99
C GLY A 28 -10.45 19.97 4.79
N ILE A 29 -10.62 19.60 3.53
CA ILE A 29 -10.99 18.23 3.19
C ILE A 29 -9.77 17.33 3.47
N ARG A 30 -8.59 17.87 3.16
CA ARG A 30 -7.33 17.21 3.38
C ARG A 30 -7.14 16.89 4.86
N ASP A 31 -7.34 17.91 5.70
CA ASP A 31 -6.99 17.85 7.12
C ASP A 31 -8.13 17.37 8.01
N ASN A 32 -9.23 16.95 7.40
CA ASN A 32 -10.42 16.56 8.16
C ASN A 32 -10.98 17.64 9.10
N THR A 33 -10.66 18.90 8.86
CA THR A 33 -11.28 19.97 9.62
C THR A 33 -12.75 20.17 9.16
N ILE A 34 -12.96 20.09 7.86
CA ILE A 34 -14.27 20.22 7.25
C ILE A 34 -15.06 18.92 7.32
N SER A 35 -16.25 18.96 7.90
CA SER A 35 -17.06 17.76 8.09
C SER A 35 -17.41 17.08 6.76
N GLU A 36 -17.83 15.82 6.86
CA GLU A 36 -18.18 15.06 5.66
C GLU A 36 -19.45 15.59 5.04
N GLY A 37 -20.43 15.92 5.89
CA GLY A 37 -21.67 16.53 5.44
C GLY A 37 -21.38 17.77 4.61
N GLN A 38 -20.47 18.59 5.09
CA GLN A 38 -20.14 19.81 4.42
C GLN A 38 -19.63 19.50 3.04
N ILE A 39 -18.76 18.51 2.94
CA ILE A 39 -18.21 18.08 1.67
C ILE A 39 -19.32 17.56 0.79
N ALA A 40 -20.23 16.80 1.34
CA ALA A 40 -21.26 16.28 0.48
C ALA A 40 -22.08 17.41 -0.07
N ALA A 41 -22.42 18.33 0.80
CA ALA A 41 -23.17 19.52 0.45
C ALA A 41 -22.52 20.28 -0.71
N LEU A 42 -21.24 20.63 -0.53
CA LEU A 42 -20.50 21.33 -1.58
C LEU A 42 -20.55 20.56 -2.89
N ALA A 43 -20.31 19.26 -2.84
CA ALA A 43 -20.34 18.41 -4.03
C ALA A 43 -21.68 18.50 -4.74
N MET A 44 -22.75 18.25 -3.99
CA MET A 44 -24.10 18.32 -4.54
C MET A 44 -24.39 19.73 -5.05
N THR A 45 -23.79 20.70 -4.41
CA THR A 45 -23.93 22.07 -4.83
C THR A 45 -23.22 22.31 -6.17
N ILE A 46 -22.01 21.76 -6.31
CA ILE A 46 -21.28 21.94 -7.56
C ILE A 46 -21.96 21.12 -8.65
N PHE A 47 -22.51 19.98 -8.25
CA PHE A 47 -23.25 19.14 -9.17
C PHE A 47 -24.42 19.86 -9.80
N PHE A 48 -24.94 20.88 -9.12
CA PHE A 48 -26.12 21.57 -9.60
C PHE A 48 -25.77 22.79 -10.45
N HIS A 49 -24.96 23.67 -9.88
CA HIS A 49 -24.61 24.93 -10.53
C HIS A 49 -23.42 24.86 -11.48
N ASP A 50 -22.75 23.71 -11.51
CA ASP A 50 -21.58 23.50 -12.35
C ASP A 50 -20.49 24.46 -11.89
N MET A 51 -19.51 24.69 -12.74
CA MET A 51 -18.40 25.56 -12.39
C MET A 51 -17.87 26.33 -13.57
N THR A 52 -17.52 27.59 -13.32
CA THR A 52 -16.85 28.38 -14.33
C THR A 52 -15.45 27.83 -14.55
N MET A 53 -14.89 28.14 -15.71
CA MET A 53 -13.54 27.71 -16.04
C MET A 53 -12.58 28.21 -14.95
N PRO A 54 -12.66 29.49 -14.55
CA PRO A 54 -11.76 29.83 -13.44
C PRO A 54 -11.99 28.97 -12.21
N GLU A 55 -13.24 28.59 -11.94
CA GLU A 55 -13.47 27.72 -10.80
C GLU A 55 -12.88 26.34 -11.04
N ARG A 56 -12.93 25.89 -12.28
CA ARG A 56 -12.48 24.55 -12.60
C ARG A 56 -10.96 24.50 -12.41
N VAL A 57 -10.27 25.45 -13.02
CA VAL A 57 -8.85 25.63 -12.82
C VAL A 57 -8.46 25.69 -11.34
N SER A 58 -9.06 26.61 -10.58
CA SER A 58 -8.70 26.79 -9.18
C SER A 58 -8.86 25.52 -8.37
N LEU A 59 -9.97 24.81 -8.61
CA LEU A 59 -10.24 23.54 -7.96
C LEU A 59 -9.14 22.51 -8.27
N THR A 60 -8.67 22.56 -9.51
CA THR A 60 -7.74 21.57 -10.00
C THR A 60 -6.35 21.87 -9.43
N MET A 61 -5.92 23.11 -9.56
CA MET A 61 -4.67 23.53 -8.93
C MET A 61 -4.70 23.38 -7.41
N ALA A 62 -5.85 23.61 -6.79
CA ALA A 62 -5.91 23.52 -5.33
C ALA A 62 -5.75 22.08 -4.87
N MET A 63 -6.43 21.17 -5.56
CA MET A 63 -6.30 19.74 -5.31
C MET A 63 -4.86 19.27 -5.59
N ARG A 64 -4.35 19.69 -6.74
CA ARG A 64 -2.98 19.42 -7.10
C ARG A 64 -2.03 19.93 -6.01
N ASP A 65 -2.38 21.03 -5.38
CA ASP A 65 -1.50 21.62 -4.37
C ASP A 65 -1.80 21.11 -2.98
N SER A 66 -2.73 20.18 -2.82
CA SER A 66 -3.01 19.73 -1.47
C SER A 66 -1.86 18.84 -0.95
N GLY A 67 -1.07 18.30 -1.87
CA GLY A 67 0.11 17.54 -1.50
C GLY A 67 1.36 18.10 -2.16
N THR A 68 2.37 17.26 -2.29
CA THR A 68 3.63 17.71 -2.88
C THR A 68 3.53 17.73 -4.39
N VAL A 69 4.16 18.72 -5.00
CA VAL A 69 4.24 18.77 -6.46
C VAL A 69 5.71 18.72 -6.84
N LEU A 70 6.03 17.92 -7.85
CA LEU A 70 7.41 17.72 -8.25
C LEU A 70 8.01 18.94 -8.97
N ASP A 71 9.06 19.53 -8.41
CA ASP A 71 9.77 20.61 -9.10
C ASP A 71 10.97 20.06 -9.86
N TRP A 72 11.03 20.36 -11.16
CA TRP A 72 12.05 19.81 -12.04
C TRP A 72 13.05 20.84 -12.53
N LYS A 73 12.74 22.12 -12.34
CA LYS A 73 13.74 23.17 -12.53
C LYS A 73 14.81 23.02 -11.44
N SER A 74 15.76 23.96 -11.41
CA SER A 74 16.91 23.90 -10.50
C SER A 74 17.79 22.70 -10.86
N LEU A 75 17.26 21.50 -10.72
CA LEU A 75 17.80 20.31 -11.39
C LEU A 75 17.79 20.65 -12.88
N ASN A 76 18.90 20.41 -13.58
CA ASN A 76 19.05 20.99 -14.91
C ASN A 76 18.74 20.00 -16.03
N LEU A 77 17.75 20.34 -16.82
CA LEU A 77 17.42 19.55 -18.01
C LEU A 77 17.11 20.49 -19.15
N ASN A 78 17.39 20.03 -20.37
CA ASN A 78 17.25 20.87 -21.55
C ASN A 78 15.92 20.64 -22.26
N GLY A 79 15.07 19.81 -21.65
CA GLY A 79 13.83 19.38 -22.30
C GLY A 79 12.54 19.51 -21.51
N PRO A 80 11.44 19.12 -22.14
CA PRO A 80 10.11 19.29 -21.54
C PRO A 80 9.69 18.12 -20.67
N ILE A 81 9.10 18.42 -19.51
CA ILE A 81 8.49 17.38 -18.68
C ILE A 81 7.10 17.11 -19.24
N VAL A 82 6.86 15.87 -19.68
CA VAL A 82 5.62 15.54 -20.36
C VAL A 82 5.17 14.14 -19.98
N ASP A 83 3.88 13.96 -19.77
CA ASP A 83 3.37 12.65 -19.41
C ASP A 83 2.12 12.39 -20.22
N LYS A 84 1.55 11.21 -20.04
CA LYS A 84 0.30 10.88 -20.69
C LYS A 84 -0.64 10.40 -19.61
N HIS A 85 -1.91 10.79 -19.69
CA HIS A 85 -2.90 10.24 -18.79
C HIS A 85 -3.96 9.56 -19.62
N SER A 86 -4.71 8.65 -19.04
CA SER A 86 -5.66 7.84 -19.82
C SER A 86 -6.76 7.27 -18.95
N THR A 87 -7.95 7.13 -19.52
CA THR A 87 -9.08 6.57 -18.77
C THR A 87 -9.05 5.03 -18.87
N GLY A 88 -7.87 4.50 -19.23
CA GLY A 88 -7.56 3.07 -19.13
C GLY A 88 -8.21 2.16 -20.15
N GLY A 89 -7.73 0.91 -20.25
CA GLY A 89 -8.37 -0.07 -21.11
C GLY A 89 -7.68 -1.41 -21.26
N VAL A 90 -8.45 -2.44 -21.56
CA VAL A 90 -7.92 -3.75 -21.83
C VAL A 90 -6.94 -3.73 -23.03
N GLY A 91 -5.70 -4.15 -22.78
CA GLY A 91 -4.69 -4.27 -23.82
C GLY A 91 -3.95 -2.96 -23.99
N ASP A 92 -4.34 -1.96 -23.21
CA ASP A 92 -3.72 -0.67 -23.39
C ASP A 92 -2.35 -0.67 -22.69
N VAL A 93 -1.35 -1.20 -23.39
CA VAL A 93 0.01 -1.30 -22.85
C VAL A 93 0.84 -0.07 -23.27
N THR A 94 0.23 0.80 -24.08
CA THR A 94 0.89 1.95 -24.71
C THR A 94 1.92 2.70 -23.89
N SER A 95 1.66 2.88 -22.60
CA SER A 95 2.56 3.70 -21.79
C SER A 95 3.94 3.03 -21.70
N LEU A 96 3.98 1.71 -21.87
CA LEU A 96 5.25 0.95 -21.77
C LEU A 96 6.17 1.20 -22.95
N MET A 97 5.59 1.58 -24.07
CA MET A 97 6.35 1.94 -25.25
C MET A 97 6.51 3.44 -25.36
N LEU A 98 5.43 4.14 -25.00
CA LEU A 98 5.30 5.58 -25.23
C LEU A 98 6.27 6.41 -24.41
N GLY A 99 6.42 6.04 -23.14
CA GLY A 99 7.41 6.68 -22.30
C GLY A 99 8.81 6.62 -22.86
N PRO A 100 9.27 5.41 -23.24
CA PRO A 100 10.61 5.31 -23.82
C PRO A 100 10.75 5.98 -25.19
N MET A 101 9.70 5.95 -26.02
CA MET A 101 9.80 6.55 -27.35
C MET A 101 9.97 8.07 -27.26
N VAL A 102 9.37 8.67 -26.24
CA VAL A 102 9.40 10.12 -26.10
C VAL A 102 10.69 10.51 -25.42
N ALA A 103 11.04 9.77 -24.38
CA ALA A 103 12.29 9.96 -23.68
C ALA A 103 13.45 9.97 -24.69
N ALA A 104 13.38 9.06 -25.65
CA ALA A 104 14.35 8.98 -26.74
C ALA A 104 14.40 10.22 -27.59
N CYS A 105 13.30 10.95 -27.69
CA CYS A 105 13.25 12.11 -28.59
C CYS A 105 13.56 13.43 -27.90
N GLY A 106 13.94 13.36 -26.63
CA GLY A 106 14.34 14.56 -25.89
C GLY A 106 13.44 14.95 -24.72
N GLY A 107 12.40 14.16 -24.48
CA GLY A 107 11.47 14.46 -23.42
C GLY A 107 11.78 13.74 -22.14
N TYR A 108 11.38 14.32 -21.02
CA TYR A 108 11.50 13.63 -19.73
C TYR A 108 10.10 13.32 -19.20
N VAL A 109 9.78 12.04 -19.16
CA VAL A 109 8.48 11.54 -18.78
C VAL A 109 8.39 10.85 -17.44
N PRO A 110 7.88 11.62 -16.41
CA PRO A 110 7.81 10.93 -15.13
C PRO A 110 6.43 10.36 -14.99
N MET A 111 6.25 9.11 -15.37
CA MET A 111 4.94 8.52 -15.31
C MET A 111 4.57 7.94 -14.01
N ILE A 112 3.67 8.59 -13.31
CA ILE A 112 3.19 8.05 -12.06
C ILE A 112 1.82 7.44 -12.27
N SER A 113 1.60 6.29 -11.63
CA SER A 113 0.41 5.50 -11.84
C SER A 113 -0.23 5.11 -10.54
N GLY A 114 -1.41 4.51 -10.61
CA GLY A 114 -2.14 4.10 -9.44
C GLY A 114 -2.71 2.71 -9.57
N ARG A 115 -2.17 1.81 -8.75
CA ARG A 115 -2.63 0.45 -8.70
C ARG A 115 -4.01 0.53 -8.12
N GLY A 116 -4.10 1.31 -7.05
CA GLY A 116 -5.34 1.53 -6.36
C GLY A 116 -5.93 0.18 -6.04
N LEU A 117 -7.25 0.12 -6.23
CA LEU A 117 -8.04 -1.09 -6.08
C LEU A 117 -8.58 -1.46 -7.45
N GLY A 118 -8.00 -0.89 -8.50
CA GLY A 118 -8.52 -1.07 -9.81
C GLY A 118 -8.73 -2.46 -10.32
N HIS A 119 -9.98 -2.65 -10.75
CA HIS A 119 -10.46 -3.88 -11.27
C HIS A 119 -9.68 -4.11 -12.53
N THR A 120 -9.55 -3.03 -13.28
CA THR A 120 -8.86 -3.03 -14.54
C THR A 120 -7.39 -3.29 -14.29
N GLY A 121 -6.73 -3.93 -15.24
CA GLY A 121 -5.33 -4.20 -15.08
C GLY A 121 -4.55 -2.93 -15.14
N GLY A 122 -3.67 -2.74 -14.19
CA GLY A 122 -2.89 -1.55 -14.14
C GLY A 122 -1.53 -1.83 -14.68
N THR A 123 -0.89 -0.81 -15.23
CA THR A 123 0.43 -0.94 -15.75
C THR A 123 1.45 -1.24 -14.65
N LEU A 124 1.26 -0.71 -13.46
CA LEU A 124 2.17 -0.98 -12.36
C LEU A 124 2.30 -2.49 -12.13
N ASP A 125 1.18 -3.20 -12.23
CA ASP A 125 1.21 -4.64 -12.05
C ASP A 125 1.83 -5.34 -13.26
N LYS A 126 1.76 -4.70 -14.43
CA LYS A 126 2.39 -5.24 -15.63
C LYS A 126 3.89 -5.31 -15.43
N LEU A 127 4.46 -4.23 -14.89
CA LEU A 127 5.89 -4.16 -14.71
C LEU A 127 6.40 -5.08 -13.58
N GLU A 128 5.54 -5.40 -12.62
CA GLU A 128 5.95 -6.32 -11.55
C GLU A 128 6.11 -7.74 -12.10
N ALA A 129 5.65 -7.98 -13.32
CA ALA A 129 5.89 -9.27 -13.95
C ALA A 129 7.39 -9.48 -14.16
N ILE A 130 8.10 -8.37 -14.39
CA ILE A 130 9.52 -8.33 -14.57
C ILE A 130 10.27 -8.53 -13.25
N PRO A 131 10.99 -9.67 -13.12
CA PRO A 131 11.69 -10.00 -11.88
C PRO A 131 12.60 -8.86 -11.47
N GLY A 132 12.50 -8.46 -10.22
CA GLY A 132 13.34 -7.40 -9.70
C GLY A 132 12.83 -5.98 -9.79
N PHE A 133 11.88 -5.72 -10.70
CA PHE A 133 11.48 -4.34 -11.00
C PHE A 133 10.92 -3.63 -9.75
N ASP A 134 11.44 -2.45 -9.45
CA ASP A 134 10.93 -1.68 -8.31
C ASP A 134 10.09 -0.47 -8.69
N ILE A 135 8.81 -0.53 -8.32
CA ILE A 135 7.88 0.50 -8.67
C ILE A 135 7.84 1.61 -7.66
N PHE A 136 8.69 1.57 -6.65
CA PHE A 136 8.65 2.56 -5.64
C PHE A 136 9.97 3.20 -5.36
N PRO A 137 10.59 3.77 -6.36
CA PRO A 137 11.82 4.50 -6.02
C PRO A 137 11.53 5.67 -5.10
N ASP A 138 12.55 6.17 -4.41
CA ASP A 138 12.36 7.34 -3.57
C ASP A 138 12.53 8.57 -4.44
N ASP A 139 12.11 9.72 -3.91
CA ASP A 139 12.13 10.98 -4.64
C ASP A 139 13.44 11.24 -5.35
N ASN A 140 14.55 10.98 -4.65
CA ASN A 140 15.90 11.25 -5.17
C ASN A 140 16.31 10.34 -6.33
N ARG A 141 16.12 9.03 -6.14
CA ARG A 141 16.40 8.05 -7.17
C ARG A 141 15.51 8.30 -8.39
N PHE A 142 14.24 8.64 -8.14
CA PHE A 142 13.30 8.99 -9.20
C PHE A 142 13.79 10.19 -9.98
N ARG A 143 14.34 11.17 -9.27
CA ARG A 143 14.83 12.36 -9.95
C ARG A 143 15.96 11.98 -10.89
N GLU A 144 16.82 11.07 -10.45
CA GLU A 144 17.95 10.62 -11.24
C GLU A 144 17.57 9.82 -12.49
N ILE A 145 16.73 8.80 -12.31
CA ILE A 145 16.27 7.95 -13.42
C ILE A 145 15.61 8.78 -14.51
N ILE A 146 14.91 9.84 -14.11
CA ILE A 146 14.38 10.78 -15.09
C ILE A 146 15.56 11.53 -15.70
N GLN A 147 16.46 11.99 -14.84
CA GLN A 147 17.63 12.77 -15.26
C GLN A 147 18.58 12.07 -16.24
N ASP A 148 18.68 10.74 -16.17
CA ASP A 148 19.63 9.98 -17.01
C ASP A 148 18.94 9.19 -18.13
N VAL A 149 17.90 8.43 -17.79
CA VAL A 149 17.16 7.64 -18.76
C VAL A 149 16.14 8.49 -19.52
N GLY A 150 15.50 9.42 -18.81
CA GLY A 150 14.47 10.24 -19.40
C GLY A 150 13.05 9.75 -19.17
N VAL A 151 12.91 8.61 -18.51
CA VAL A 151 11.60 8.11 -18.15
C VAL A 151 11.71 7.07 -17.06
N ALA A 152 10.74 7.08 -16.16
CA ALA A 152 10.59 6.05 -15.14
C ALA A 152 9.09 5.89 -14.90
N ILE A 153 8.68 4.69 -14.55
CA ILE A 153 7.28 4.40 -14.33
C ILE A 153 7.18 3.91 -12.92
N ILE A 154 6.60 4.74 -12.07
CA ILE A 154 6.55 4.51 -10.64
C ILE A 154 5.26 4.48 -9.87
N GLY A 155 5.44 4.19 -8.61
CA GLY A 155 4.36 4.03 -7.67
C GLY A 155 3.78 5.28 -7.11
N GLN A 156 2.56 5.11 -6.64
CA GLN A 156 1.62 6.16 -6.34
C GLN A 156 2.09 6.93 -5.16
N THR A 157 1.51 8.07 -4.93
CA THR A 157 1.75 8.72 -3.67
C THR A 157 0.53 9.31 -2.98
N SER A 158 0.50 9.11 -1.68
CA SER A 158 -0.40 9.77 -0.80
C SER A 158 0.04 11.19 -0.77
N SER A 159 1.27 11.42 -1.14
CA SER A 159 1.75 12.76 -1.21
C SER A 159 1.18 13.48 -2.41
N LEU A 160 0.48 12.76 -3.28
CA LEU A 160 -0.08 13.36 -4.48
C LEU A 160 -1.57 13.62 -4.39
N ALA A 161 -1.96 14.88 -4.39
CA ALA A 161 -3.37 15.29 -4.26
C ALA A 161 -4.15 14.51 -3.21
N PRO A 162 -3.72 14.59 -1.95
CA PRO A 162 -4.42 13.73 -0.96
C PRO A 162 -5.88 14.14 -0.78
N ALA A 163 -6.18 15.42 -0.98
CA ALA A 163 -7.54 15.91 -0.82
C ALA A 163 -8.55 15.14 -1.67
N ASP A 164 -8.10 14.67 -2.83
CA ASP A 164 -8.99 13.99 -3.75
C ASP A 164 -9.57 12.71 -3.15
N LYS A 165 -8.87 12.15 -2.16
CA LYS A 165 -9.24 10.82 -1.69
C LYS A 165 -10.48 10.87 -0.82
N ARG A 166 -10.49 11.76 0.15
CA ARG A 166 -11.71 11.98 0.93
C ARG A 166 -12.78 12.61 0.03
N PHE A 167 -12.34 13.49 -0.88
CA PHE A 167 -13.25 14.10 -1.81
C PHE A 167 -13.95 13.02 -2.63
N TYR A 168 -13.17 12.12 -3.23
CA TYR A 168 -13.78 11.13 -4.11
C TYR A 168 -14.66 10.19 -3.31
N ALA A 169 -14.17 9.77 -2.15
CA ALA A 169 -14.91 8.84 -1.32
C ALA A 169 -16.29 9.40 -0.98
N THR A 170 -16.35 10.64 -0.54
CA THR A 170 -17.63 11.24 -0.25
C THR A 170 -18.46 11.33 -1.50
N ARG A 171 -17.85 11.72 -2.61
CA ARG A 171 -18.61 11.87 -3.83
C ARG A 171 -19.24 10.54 -4.15
N ASP A 172 -18.55 9.46 -3.86
CA ASP A 172 -19.05 8.16 -4.26
C ASP A 172 -20.28 7.64 -3.50
N ILE A 173 -20.63 8.26 -2.39
CA ILE A 173 -21.82 7.82 -1.66
C ILE A 173 -22.96 8.83 -1.76
N THR A 174 -22.75 9.89 -2.52
CA THR A 174 -23.69 11.00 -2.51
C THR A 174 -24.21 11.35 -3.89
N ALA A 175 -23.79 10.52 -4.86
CA ALA A 175 -24.24 10.63 -6.24
C ALA A 175 -23.70 11.89 -6.85
N THR A 176 -22.47 12.25 -6.46
CA THR A 176 -21.82 13.41 -7.03
C THR A 176 -20.49 13.05 -7.70
N VAL A 177 -20.35 11.80 -8.10
CA VAL A 177 -19.16 11.34 -8.76
C VAL A 177 -19.06 12.06 -10.04
N ASP A 178 -20.25 12.35 -10.54
CA ASP A 178 -20.71 12.27 -11.88
C ASP A 178 -20.84 13.63 -12.51
N SER A 179 -20.04 14.59 -12.07
CA SER A 179 -20.05 15.93 -12.60
C SER A 179 -18.76 16.34 -13.25
N ILE A 180 -18.84 16.77 -14.49
CA ILE A 180 -17.67 17.03 -15.32
C ILE A 180 -16.58 17.90 -14.65
N PRO A 181 -16.93 19.02 -14.01
CA PRO A 181 -15.82 19.77 -13.38
C PRO A 181 -15.21 19.02 -12.20
N LEU A 182 -15.97 18.07 -11.66
CA LEU A 182 -15.50 17.32 -10.53
C LEU A 182 -14.64 16.15 -11.02
N ILE A 183 -15.13 15.45 -12.04
CA ILE A 183 -14.36 14.40 -12.69
C ILE A 183 -13.08 14.98 -13.26
N THR A 184 -13.20 16.07 -14.01
CA THR A 184 -12.05 16.80 -14.52
C THR A 184 -11.08 17.11 -13.39
N GLY A 185 -11.63 17.29 -12.18
CA GLY A 185 -10.82 17.60 -11.02
C GLY A 185 -10.03 16.42 -10.50
N SER A 186 -10.71 15.28 -10.31
CA SER A 186 -10.06 14.11 -9.73
C SER A 186 -9.10 13.46 -10.73
N ILE A 187 -9.39 13.62 -12.02
CA ILE A 187 -8.56 13.04 -13.09
C ILE A 187 -7.24 13.79 -13.24
N LEU A 188 -7.31 15.11 -13.21
CA LEU A 188 -6.17 15.94 -13.58
C LEU A 188 -5.20 16.20 -12.43
N ALA A 189 -5.71 16.20 -11.21
CA ALA A 189 -4.94 16.64 -10.04
C ALA A 189 -3.62 15.89 -9.93
N LYS A 190 -3.72 14.60 -9.62
CA LYS A 190 -2.54 13.72 -9.46
C LYS A 190 -1.57 13.90 -10.62
N LYS A 191 -2.07 13.79 -11.84
CA LYS A 191 -1.25 13.92 -13.04
C LYS A 191 -0.52 15.26 -13.15
N LEU A 192 -1.05 16.29 -12.53
CA LEU A 192 -0.49 17.64 -12.71
C LEU A 192 0.53 17.93 -11.60
N ALA A 193 0.49 17.10 -10.57
CA ALA A 193 1.41 17.18 -9.45
C ALA A 193 2.82 16.68 -9.88
N GLU A 194 2.91 16.10 -11.07
CA GLU A 194 4.19 15.72 -11.63
C GLU A 194 4.96 16.93 -12.19
N GLY A 195 4.36 18.12 -12.08
CA GLY A 195 5.04 19.33 -12.53
C GLY A 195 5.28 19.38 -14.03
N LEU A 196 4.29 18.94 -14.80
CA LEU A 196 4.38 18.89 -16.25
C LEU A 196 4.49 20.25 -16.94
N ASP A 197 5.22 20.27 -18.05
CA ASP A 197 5.17 21.39 -18.99
C ASP A 197 4.08 21.09 -20.02
N ALA A 198 3.89 19.80 -20.30
CA ALA A 198 2.96 19.39 -21.34
C ALA A 198 2.23 18.10 -20.97
N LEU A 199 1.12 17.84 -21.65
CA LEU A 199 0.33 16.65 -21.37
C LEU A 199 -0.53 16.29 -22.55
N VAL A 200 -0.79 15.00 -22.72
CA VAL A 200 -1.77 14.52 -23.67
C VAL A 200 -2.66 13.53 -22.95
N MET A 201 -3.91 13.56 -23.33
CA MET A 201 -4.92 12.81 -22.63
C MET A 201 -5.55 11.80 -23.58
N ASP A 202 -5.64 10.55 -23.14
CA ASP A 202 -6.28 9.55 -23.95
C ASP A 202 -7.67 9.25 -23.41
N VAL A 203 -8.69 9.70 -24.14
CA VAL A 203 -10.05 9.48 -23.71
C VAL A 203 -10.63 8.36 -24.52
N LYS A 204 -10.96 7.25 -23.87
CA LYS A 204 -11.50 6.13 -24.63
C LYS A 204 -12.90 6.37 -25.18
N VAL A 205 -13.10 5.85 -26.38
CA VAL A 205 -14.37 5.86 -27.07
C VAL A 205 -14.82 4.44 -27.27
N GLY A 206 -16.09 4.17 -27.04
CA GLY A 206 -16.65 2.87 -27.37
C GLY A 206 -17.19 2.09 -26.18
N SER A 207 -17.56 0.86 -26.47
CA SER A 207 -18.12 -0.07 -25.49
C SER A 207 -17.25 -0.21 -24.24
N GLY A 208 -15.94 -0.30 -24.45
CA GLY A 208 -15.01 -0.53 -23.35
C GLY A 208 -14.51 0.74 -22.71
N ALA A 209 -15.27 1.83 -22.84
CA ALA A 209 -14.80 3.15 -22.39
C ALA A 209 -15.36 3.57 -21.03
N PHE A 210 -14.64 4.47 -20.38
CA PHE A 210 -15.08 5.12 -19.15
C PHE A 210 -16.30 6.00 -19.41
N MET A 211 -16.39 6.49 -20.64
CA MET A 211 -17.45 7.35 -21.09
C MET A 211 -18.19 6.64 -22.22
N PRO A 212 -19.46 6.29 -21.98
CA PRO A 212 -20.25 5.35 -22.80
C PRO A 212 -20.65 5.88 -24.17
N THR A 213 -20.34 7.12 -24.48
CA THR A 213 -20.81 7.74 -25.71
C THR A 213 -19.71 8.55 -26.35
N TYR A 214 -19.65 8.54 -27.68
CA TYR A 214 -18.71 9.40 -28.38
C TYR A 214 -18.79 10.87 -27.92
N GLU A 215 -19.98 11.43 -27.99
CA GLU A 215 -20.17 12.80 -27.53
C GLU A 215 -19.77 12.96 -26.07
N LEU A 216 -20.15 12.00 -25.23
CA LEU A 216 -19.72 12.05 -23.84
C LEU A 216 -18.19 11.97 -23.71
N SER A 217 -17.54 11.14 -24.53
CA SER A 217 -16.08 11.02 -24.46
C SER A 217 -15.50 12.35 -24.94
N GLU A 218 -16.07 12.86 -26.03
CA GLU A 218 -15.61 14.13 -26.57
C GLU A 218 -15.78 15.30 -25.58
N ALA A 219 -16.89 15.28 -24.83
CA ALA A 219 -17.16 16.34 -23.85
C ALA A 219 -16.13 16.36 -22.74
N LEU A 220 -15.90 15.20 -22.12
CA LEU A 220 -14.87 15.06 -21.09
C LEU A 220 -13.55 15.59 -21.61
N ALA A 221 -13.21 15.18 -22.82
CA ALA A 221 -11.91 15.50 -23.39
C ALA A 221 -11.71 17.01 -23.47
N GLU A 222 -12.69 17.69 -24.06
CA GLU A 222 -12.76 19.15 -24.12
C GLU A 222 -12.61 19.80 -22.73
N ALA A 223 -13.37 19.28 -21.77
CA ALA A 223 -13.33 19.81 -20.42
C ALA A 223 -11.92 19.74 -19.86
N ILE A 224 -11.40 18.50 -19.76
CA ILE A 224 -9.99 18.22 -19.40
C ILE A 224 -8.97 19.10 -20.13
N VAL A 225 -9.11 19.18 -21.45
CA VAL A 225 -8.22 20.04 -22.22
C VAL A 225 -8.28 21.49 -21.74
N GLY A 226 -9.48 22.03 -21.63
CA GLY A 226 -9.66 23.41 -21.22
C GLY A 226 -9.12 23.73 -19.84
N VAL A 227 -9.39 22.84 -18.89
CA VAL A 227 -8.87 22.98 -17.55
C VAL A 227 -7.34 22.81 -17.45
N ALA A 228 -6.78 21.81 -18.14
CA ALA A 228 -5.34 21.56 -18.05
C ALA A 228 -4.54 22.74 -18.60
N ASN A 229 -4.94 23.22 -19.77
CA ASN A 229 -4.27 24.37 -20.37
C ASN A 229 -4.37 25.56 -19.44
N GLY A 230 -5.55 25.71 -18.83
CA GLY A 230 -5.81 26.82 -17.92
C GLY A 230 -4.88 26.83 -16.73
N ALA A 231 -4.31 25.66 -16.40
CA ALA A 231 -3.35 25.58 -15.29
C ALA A 231 -1.89 25.67 -15.75
N GLY A 232 -1.65 26.18 -16.95
CA GLY A 232 -0.28 26.42 -17.39
C GLY A 232 0.44 25.13 -17.75
N VAL A 233 -0.32 24.17 -18.26
CA VAL A 233 0.17 22.90 -18.76
C VAL A 233 -0.36 22.70 -20.18
N ARG A 234 0.51 22.91 -21.17
CA ARG A 234 0.14 22.76 -22.58
C ARG A 234 -0.42 21.36 -22.85
N THR A 235 -1.68 21.29 -23.26
CA THR A 235 -2.40 20.03 -23.32
C THR A 235 -3.26 19.86 -24.57
N THR A 236 -3.35 18.63 -25.05
CA THR A 236 -4.33 18.24 -26.06
C THR A 236 -4.88 16.89 -25.62
N ALA A 237 -5.76 16.32 -26.43
CA ALA A 237 -6.36 15.03 -26.10
C ALA A 237 -6.77 14.31 -27.36
N LEU A 238 -6.84 12.98 -27.28
CA LEU A 238 -7.28 12.18 -28.41
C LEU A 238 -8.37 11.23 -27.96
N LEU A 239 -9.41 11.11 -28.77
CA LEU A 239 -10.36 10.03 -28.59
C LEU A 239 -9.76 8.83 -29.29
N THR A 240 -9.81 7.66 -28.65
CA THR A 240 -9.22 6.48 -29.25
C THR A 240 -10.17 5.32 -29.07
N ASP A 241 -10.06 4.32 -29.91
CA ASP A 241 -11.02 3.23 -29.94
C ASP A 241 -10.73 2.16 -28.88
N MET A 242 -11.79 1.73 -28.20
CA MET A 242 -11.78 0.67 -27.20
C MET A 242 -12.99 -0.23 -27.43
N ASN A 243 -13.24 -0.53 -28.69
CA ASN A 243 -14.26 -1.48 -29.01
C ASN A 243 -13.78 -2.92 -29.04
N GLN A 244 -12.51 -3.14 -28.78
CA GLN A 244 -11.89 -4.44 -28.80
C GLN A 244 -10.63 -4.26 -28.06
N VAL A 245 -9.91 -5.33 -27.79
CA VAL A 245 -8.61 -5.23 -27.15
C VAL A 245 -7.62 -4.43 -28.02
N LEU A 246 -6.91 -3.48 -27.44
CA LEU A 246 -6.03 -2.67 -28.25
C LEU A 246 -4.79 -3.33 -28.80
N ALA A 247 -4.04 -3.97 -27.93
CA ALA A 247 -2.96 -4.87 -28.28
C ALA A 247 -3.50 -6.24 -28.69
N SER A 248 -2.58 -7.13 -29.07
CA SER A 248 -2.89 -8.51 -29.42
C SER A 248 -2.84 -9.39 -28.18
N SER A 249 -2.63 -8.78 -27.02
CA SER A 249 -2.62 -9.58 -25.82
C SER A 249 -3.20 -8.83 -24.63
N ALA A 250 -3.64 -9.58 -23.62
CA ALA A 250 -4.12 -8.97 -22.38
C ALA A 250 -3.63 -9.72 -21.15
N GLY A 251 -2.91 -9.01 -20.28
CA GLY A 251 -2.44 -9.61 -19.05
C GLY A 251 -1.32 -8.76 -18.48
N ASN A 252 -0.36 -9.41 -17.84
CA ASN A 252 0.83 -8.72 -17.37
C ASN A 252 2.11 -9.07 -18.16
N ALA A 253 2.79 -10.18 -17.82
CA ALA A 253 4.08 -10.52 -18.50
C ALA A 253 3.89 -10.48 -20.00
N VAL A 254 2.86 -11.19 -20.42
CA VAL A 254 2.44 -11.26 -21.79
C VAL A 254 2.32 -9.88 -22.44
N GLU A 255 1.83 -8.88 -21.71
CA GLU A 255 1.72 -7.55 -22.29
C GLU A 255 3.06 -6.86 -22.29
N VAL A 256 3.84 -7.01 -21.22
CA VAL A 256 5.23 -6.52 -21.23
C VAL A 256 6.01 -7.05 -22.44
N ARG A 257 5.73 -8.29 -22.81
CA ARG A 257 6.41 -8.91 -23.95
C ARG A 257 6.03 -8.22 -25.25
N GLU A 258 4.73 -7.93 -25.40
CA GLU A 258 4.24 -7.28 -26.62
C GLU A 258 4.93 -5.93 -26.82
N ALA A 259 5.31 -5.30 -25.73
CA ALA A 259 5.85 -3.94 -25.80
C ALA A 259 7.31 -3.96 -26.19
N VAL A 260 8.08 -4.90 -25.62
CA VAL A 260 9.46 -5.05 -26.05
C VAL A 260 9.48 -5.32 -27.55
N GLN A 261 8.62 -6.25 -27.98
CA GLN A 261 8.50 -6.61 -29.39
C GLN A 261 7.93 -5.51 -30.27
N PHE A 262 7.30 -4.53 -29.65
CA PHE A 262 6.74 -3.44 -30.41
C PHE A 262 7.90 -2.49 -30.61
N LEU A 263 8.63 -2.24 -29.53
CA LEU A 263 9.75 -1.34 -29.58
C LEU A 263 10.91 -1.90 -30.43
N THR A 264 11.08 -3.22 -30.43
CA THR A 264 12.24 -3.79 -31.13
C THR A 264 11.93 -3.87 -32.61
N GLY A 265 10.64 -4.01 -32.92
CA GLY A 265 10.21 -4.16 -34.30
C GLY A 265 9.79 -5.58 -34.62
N GLU A 266 9.92 -6.46 -33.63
CA GLU A 266 9.58 -7.87 -33.82
C GLU A 266 8.11 -8.06 -34.14
N TYR A 267 7.28 -7.13 -33.68
CA TYR A 267 5.84 -7.14 -33.97
C TYR A 267 5.12 -5.89 -33.49
N ARG A 268 4.39 -5.27 -34.41
CA ARG A 268 3.64 -4.06 -34.12
C ARG A 268 2.21 -4.24 -34.56
N ASN A 269 1.35 -4.55 -33.60
CA ASN A 269 -0.09 -4.43 -33.77
C ASN A 269 -0.36 -3.08 -34.43
N PRO A 270 -1.00 -3.09 -35.61
CA PRO A 270 -1.22 -1.87 -36.40
C PRO A 270 -2.16 -0.84 -35.70
N ARG A 271 -3.11 -1.34 -34.91
CA ARG A 271 -4.05 -0.50 -34.15
C ARG A 271 -3.36 0.11 -32.95
N LEU A 272 -2.51 -0.71 -32.32
CA LEU A 272 -1.81 -0.28 -31.11
C LEU A 272 -0.75 0.73 -31.51
N PHE A 273 -0.24 0.58 -32.73
CA PHE A 273 0.77 1.48 -33.27
C PHE A 273 0.12 2.83 -33.55
N ASP A 274 -0.96 2.79 -34.33
CA ASP A 274 -1.83 3.94 -34.52
C ASP A 274 -2.07 4.70 -33.23
N VAL A 275 -2.53 4.04 -32.19
CA VAL A 275 -2.76 4.78 -30.95
C VAL A 275 -1.47 5.36 -30.39
N THR A 276 -0.50 4.47 -30.14
CA THR A 276 0.78 4.83 -29.53
C THR A 276 1.43 5.97 -30.23
N MET A 277 1.53 5.83 -31.55
CA MET A 277 2.10 6.89 -32.36
C MET A 277 1.33 8.21 -32.16
N ALA A 278 0.00 8.14 -32.28
CA ALA A 278 -0.80 9.37 -32.18
C ALA A 278 -0.47 10.05 -30.87
N LEU A 279 -0.45 9.30 -29.78
CA LEU A 279 -0.23 9.95 -28.48
C LEU A 279 1.14 10.61 -28.39
N CYS A 280 2.20 9.91 -28.81
CA CYS A 280 3.56 10.45 -28.75
C CYS A 280 3.72 11.74 -29.53
N VAL A 281 3.18 11.77 -30.74
CA VAL A 281 3.11 12.98 -31.56
C VAL A 281 2.61 14.17 -30.75
N GLU A 282 1.52 13.95 -30.02
CA GLU A 282 0.96 15.01 -29.21
C GLU A 282 1.96 15.45 -28.17
N MET A 283 2.57 14.49 -27.47
CA MET A 283 3.57 14.80 -26.43
C MET A 283 4.75 15.60 -27.01
N LEU A 284 5.09 15.34 -28.27
CA LEU A 284 6.25 16.01 -28.88
C LEU A 284 5.92 17.44 -29.29
N ILE A 285 4.81 17.61 -30.00
CA ILE A 285 4.39 18.94 -30.47
C ILE A 285 4.08 19.87 -29.28
N SER A 286 3.24 19.42 -28.35
CA SER A 286 2.96 20.18 -27.14
C SER A 286 4.24 20.49 -26.38
N GLY A 287 5.13 19.49 -26.30
CA GLY A 287 6.40 19.64 -25.61
C GLY A 287 7.42 20.52 -26.33
N GLN A 288 7.08 20.99 -27.53
CA GLN A 288 7.96 21.83 -28.34
C GLN A 288 9.26 21.08 -28.74
N LEU A 289 9.07 19.85 -29.22
CA LEU A 289 10.15 19.02 -29.72
C LEU A 289 9.97 18.70 -31.20
N ALA A 290 8.80 19.05 -31.73
CA ALA A 290 8.47 18.85 -33.13
C ALA A 290 7.53 19.97 -33.60
N LYS A 291 7.77 20.50 -34.81
CA LYS A 291 6.99 21.61 -35.33
C LYS A 291 5.58 21.15 -35.73
N ASP A 292 5.51 19.99 -36.32
CA ASP A 292 4.26 19.46 -36.81
C ASP A 292 4.23 17.94 -36.77
N ASP A 293 3.12 17.37 -37.16
CA ASP A 293 2.90 15.95 -37.13
C ASP A 293 3.92 15.21 -37.95
N ALA A 294 4.27 15.73 -39.10
CA ALA A 294 5.22 15.07 -39.96
C ALA A 294 6.55 14.95 -39.28
N GLU A 295 6.98 16.00 -38.64
CA GLU A 295 8.24 15.99 -37.95
C GLU A 295 8.28 15.05 -36.77
N ALA A 296 7.19 14.99 -36.04
CA ALA A 296 7.07 14.16 -34.84
C ALA A 296 7.10 12.70 -35.23
N ARG A 297 6.35 12.34 -36.27
CA ARG A 297 6.28 10.95 -36.67
C ARG A 297 7.60 10.47 -37.24
N ALA A 298 8.39 11.40 -37.78
CA ALA A 298 9.69 11.08 -38.34
C ALA A 298 10.64 10.83 -37.20
N LYS A 299 10.69 11.79 -36.27
CA LYS A 299 11.46 11.62 -35.06
C LYS A 299 11.05 10.37 -34.30
N LEU A 300 9.78 10.01 -34.36
CA LEU A 300 9.32 8.87 -33.60
C LEU A 300 9.69 7.59 -34.29
N GLN A 301 9.43 7.52 -35.60
CA GLN A 301 9.73 6.32 -36.37
C GLN A 301 11.17 5.93 -36.19
N ALA A 302 12.04 6.93 -36.24
CA ALA A 302 13.47 6.74 -36.25
C ALA A 302 13.94 6.05 -34.97
N VAL A 303 13.40 6.44 -33.83
CA VAL A 303 13.90 5.84 -32.60
C VAL A 303 13.37 4.43 -32.46
N LEU A 304 12.28 4.13 -33.17
CA LEU A 304 11.84 2.73 -33.25
C LEU A 304 12.70 1.96 -34.24
N ASP A 305 13.30 2.65 -35.19
CA ASP A 305 14.02 2.02 -36.29
C ASP A 305 15.48 1.71 -35.97
N ASN A 306 16.10 2.55 -35.15
CA ASN A 306 17.49 2.39 -34.80
C ASN A 306 17.64 1.72 -33.43
N GLY A 307 16.51 1.32 -32.86
CA GLY A 307 16.53 0.58 -31.61
C GLY A 307 16.74 1.47 -30.41
N LYS A 308 16.84 2.77 -30.64
CA LYS A 308 17.12 3.67 -29.53
C LYS A 308 15.97 3.74 -28.52
N ALA A 309 14.73 3.53 -28.97
CA ALA A 309 13.56 3.48 -28.09
C ALA A 309 13.60 2.25 -27.20
N ALA A 310 13.84 1.11 -27.83
CA ALA A 310 13.94 -0.14 -27.11
C ALA A 310 15.07 -0.07 -26.07
N GLU A 311 16.12 0.66 -26.41
CA GLU A 311 17.24 0.84 -25.50
C GLU A 311 16.78 1.60 -24.25
N VAL A 312 16.10 2.72 -24.46
CA VAL A 312 15.53 3.49 -23.33
C VAL A 312 14.64 2.60 -22.45
N PHE A 313 13.69 1.88 -23.03
CA PHE A 313 12.94 0.92 -22.22
C PHE A 313 13.86 0.03 -21.44
N GLY A 314 14.91 -0.47 -22.10
CA GLY A 314 15.84 -1.38 -21.46
C GLY A 314 16.58 -0.73 -20.30
N ARG A 315 17.19 0.42 -20.55
CA ARG A 315 17.85 1.11 -19.47
C ARG A 315 16.93 1.36 -18.28
N MET A 316 15.73 1.89 -18.55
CA MET A 316 14.74 2.19 -17.51
C MET A 316 14.54 1.03 -16.54
N VAL A 317 14.19 -0.12 -17.11
CA VAL A 317 14.13 -1.40 -16.40
C VAL A 317 15.34 -1.66 -15.50
N ALA A 318 16.52 -1.28 -15.97
CA ALA A 318 17.72 -1.50 -15.17
C ALA A 318 17.78 -0.46 -14.08
N ALA A 319 17.55 0.81 -14.42
CA ALA A 319 17.57 1.88 -13.42
C ALA A 319 16.70 1.53 -12.21
N GLN A 320 15.70 0.74 -12.45
CA GLN A 320 14.70 0.45 -11.46
C GLN A 320 14.82 -0.96 -10.93
N LYS A 321 16.03 -1.47 -10.89
CA LYS A 321 16.36 -2.69 -10.21
C LYS A 321 16.11 -3.92 -11.03
N GLY A 322 15.75 -3.76 -12.27
CA GLY A 322 15.55 -4.88 -13.16
C GLY A 322 16.82 -5.38 -13.81
N PRO A 323 16.73 -6.52 -14.46
CA PRO A 323 17.87 -7.09 -15.18
C PRO A 323 18.26 -6.18 -16.31
N SER A 324 19.57 -6.04 -16.51
CA SER A 324 20.09 -5.07 -17.46
C SER A 324 20.07 -5.59 -18.89
N ASP A 325 19.61 -6.80 -19.11
CA ASP A 325 19.66 -7.36 -20.46
C ASP A 325 18.27 -7.81 -20.87
N PHE A 326 17.28 -7.20 -20.21
CA PHE A 326 15.90 -7.64 -20.30
C PHE A 326 15.41 -7.65 -21.74
N VAL A 327 15.76 -6.62 -22.50
CA VAL A 327 15.31 -6.49 -23.89
C VAL A 327 15.77 -7.64 -24.79
N GLU A 328 17.03 -7.98 -24.70
CA GLU A 328 17.58 -9.13 -25.38
C GLU A 328 17.08 -10.49 -24.93
N ASN A 329 16.87 -10.68 -23.65
CA ASN A 329 16.40 -11.97 -23.19
C ASN A 329 15.23 -11.90 -22.28
N TYR A 330 14.13 -11.36 -22.77
CA TYR A 330 12.92 -11.22 -22.00
C TYR A 330 12.30 -12.53 -21.67
N ASP A 331 12.29 -13.46 -22.59
CA ASP A 331 11.66 -14.78 -22.32
C ASP A 331 12.41 -15.47 -21.19
N LYS A 332 13.67 -15.10 -21.03
CA LYS A 332 14.51 -15.71 -20.01
C LYS A 332 14.00 -15.31 -18.64
N TYR A 333 13.40 -14.13 -18.56
CA TYR A 333 12.96 -13.57 -17.29
C TYR A 333 11.42 -13.56 -17.08
N LEU A 334 10.66 -13.46 -18.16
CA LEU A 334 9.22 -13.36 -18.05
C LEU A 334 8.59 -14.69 -17.64
N PRO A 335 7.75 -14.64 -16.59
CA PRO A 335 7.05 -15.82 -16.07
C PRO A 335 6.23 -16.47 -17.16
N THR A 336 6.22 -17.80 -17.22
CA THR A 336 5.51 -18.50 -18.28
C THR A 336 4.41 -19.41 -17.76
N ALA A 337 3.21 -19.27 -18.31
CA ALA A 337 2.07 -20.06 -17.85
C ALA A 337 2.36 -21.55 -18.02
N MET A 338 1.74 -22.35 -17.15
CA MET A 338 1.87 -23.80 -17.20
C MET A 338 1.13 -24.39 -18.39
N LEU A 339 0.03 -23.75 -18.78
CA LEU A 339 -0.77 -24.27 -19.88
C LEU A 339 -1.19 -23.13 -20.79
N SER A 340 -0.93 -23.34 -22.06
CA SER A 340 -0.98 -22.30 -23.07
C SER A 340 -1.48 -22.91 -24.37
N LYS A 341 -2.77 -22.74 -24.62
CA LYS A 341 -3.47 -23.48 -25.66
C LYS A 341 -4.54 -22.56 -26.30
N ALA A 342 -4.73 -22.71 -27.61
CA ALA A 342 -5.64 -21.88 -28.38
C ALA A 342 -7.09 -22.19 -28.06
N VAL A 343 -7.94 -21.16 -28.02
CA VAL A 343 -9.35 -21.40 -27.87
C VAL A 343 -10.02 -21.13 -29.20
N TYR A 344 -10.90 -22.03 -29.61
CA TYR A 344 -11.52 -21.96 -30.92
C TYR A 344 -13.04 -21.73 -30.77
N ALA A 345 -13.67 -21.18 -31.81
CA ALA A 345 -15.09 -20.82 -31.74
C ALA A 345 -16.02 -22.01 -32.00
N ASP A 346 -17.25 -21.92 -31.50
CA ASP A 346 -18.26 -22.93 -31.75
C ASP A 346 -18.81 -22.83 -33.16
N THR A 347 -18.33 -21.85 -33.92
CA THR A 347 -18.84 -21.60 -35.27
C THR A 347 -17.91 -20.75 -36.14
N GLU A 348 -18.31 -20.58 -37.39
CA GLU A 348 -17.47 -19.87 -38.36
C GLU A 348 -17.99 -18.47 -38.65
N GLY A 349 -17.18 -17.68 -39.37
CA GLY A 349 -17.61 -16.36 -39.79
C GLY A 349 -16.62 -15.28 -39.43
N PHE A 350 -17.14 -14.06 -39.24
CA PHE A 350 -16.30 -12.90 -38.92
C PHE A 350 -16.62 -12.36 -37.55
N ILE A 351 -15.58 -12.00 -36.80
CA ILE A 351 -15.80 -11.30 -35.56
C ILE A 351 -16.42 -9.93 -35.81
N SER A 352 -17.66 -9.74 -35.36
CA SER A 352 -18.37 -8.47 -35.51
C SER A 352 -18.33 -7.61 -34.25
N ALA A 353 -18.25 -8.22 -33.06
CA ALA A 353 -18.02 -7.42 -31.84
C ALA A 353 -17.36 -8.21 -30.68
N MET A 354 -16.75 -7.46 -29.75
CA MET A 354 -16.15 -8.03 -28.53
C MET A 354 -16.52 -7.25 -27.28
N ASP A 355 -16.67 -7.96 -26.17
CA ASP A 355 -16.90 -7.33 -24.88
C ASP A 355 -15.60 -7.25 -24.08
N THR A 356 -14.89 -6.14 -24.20
CA THR A 356 -13.59 -5.97 -23.57
C THR A 356 -13.61 -6.07 -22.07
N ARG A 357 -14.74 -5.74 -21.47
CA ARG A 357 -14.84 -5.82 -20.02
C ARG A 357 -14.95 -7.25 -19.53
N ALA A 358 -15.71 -8.06 -20.28
CA ALA A 358 -15.87 -9.47 -19.94
C ALA A 358 -14.52 -10.17 -20.07
N LEU A 359 -13.90 -10.00 -21.24
CA LEU A 359 -12.52 -10.40 -21.48
C LEU A 359 -11.62 -9.99 -20.33
N GLY A 360 -11.74 -8.74 -19.90
CA GLY A 360 -10.94 -8.22 -18.82
C GLY A 360 -11.17 -8.96 -17.50
N MET A 361 -12.40 -9.42 -17.28
CA MET A 361 -12.69 -10.15 -16.06
C MET A 361 -12.29 -11.61 -16.20
N ALA A 362 -12.28 -12.11 -17.42
CA ALA A 362 -11.84 -13.47 -17.68
C ALA A 362 -10.38 -13.60 -17.23
N VAL A 363 -9.55 -12.68 -17.69
CA VAL A 363 -8.17 -12.53 -17.22
C VAL A 363 -8.03 -12.42 -15.71
N VAL A 364 -8.84 -11.58 -15.08
CA VAL A 364 -8.79 -11.43 -13.64
C VAL A 364 -9.08 -12.74 -12.92
N SER A 365 -10.11 -13.44 -13.38
CA SER A 365 -10.49 -14.68 -12.76
C SER A 365 -9.46 -15.79 -13.04
N MET A 366 -8.44 -15.47 -13.82
CA MET A 366 -7.40 -16.40 -14.20
C MET A 366 -6.17 -16.20 -13.34
N GLY A 367 -6.30 -15.28 -12.38
CA GLY A 367 -5.22 -14.88 -11.52
C GLY A 367 -4.50 -13.68 -12.10
N GLY A 368 -4.97 -13.22 -13.24
CA GLY A 368 -4.34 -12.13 -13.95
C GLY A 368 -4.51 -10.76 -13.34
N GLY A 369 -5.40 -10.66 -12.36
CA GLY A 369 -5.67 -9.44 -11.63
C GLY A 369 -6.22 -9.77 -10.26
N ARG A 370 -6.67 -8.76 -9.53
CA ARG A 370 -7.11 -8.97 -8.15
C ARG A 370 -8.63 -8.93 -7.98
N ARG A 371 -9.21 -10.10 -7.68
CA ARG A 371 -10.61 -10.19 -7.28
C ARG A 371 -10.80 -9.43 -5.97
N GLN A 372 -10.10 -9.85 -4.92
CA GLN A 372 -10.07 -9.12 -3.65
C GLN A 372 -8.81 -8.27 -3.59
N ALA A 373 -8.83 -7.22 -2.80
CA ALA A 373 -7.69 -6.29 -2.74
C ALA A 373 -6.45 -6.93 -2.10
N SER A 374 -6.64 -8.08 -1.46
CA SER A 374 -5.56 -8.73 -0.76
C SER A 374 -4.96 -9.86 -1.58
N ASP A 375 -5.62 -10.21 -2.68
CA ASP A 375 -5.16 -11.31 -3.53
C ASP A 375 -3.80 -11.04 -4.19
N THR A 376 -3.11 -12.10 -4.59
CA THR A 376 -1.83 -11.98 -5.28
C THR A 376 -2.07 -12.02 -6.78
N ILE A 377 -1.09 -11.55 -7.56
CA ILE A 377 -1.20 -11.61 -9.02
C ILE A 377 -0.31 -12.70 -9.63
N ASP A 378 -0.91 -13.58 -10.41
CA ASP A 378 -0.17 -14.55 -11.23
C ASP A 378 0.12 -13.89 -12.57
N TYR A 379 1.38 -13.52 -12.77
CA TYR A 379 1.78 -12.61 -13.83
C TYR A 379 1.86 -13.27 -15.17
N SER A 380 1.65 -14.57 -15.21
CA SER A 380 1.99 -15.35 -16.39
C SER A 380 0.77 -15.59 -17.24
N VAL A 381 -0.41 -15.46 -16.62
CA VAL A 381 -1.65 -15.76 -17.31
C VAL A 381 -2.18 -14.54 -18.07
N GLY A 382 -2.96 -14.81 -19.10
CA GLY A 382 -3.39 -13.78 -20.01
C GLY A 382 -3.82 -14.42 -21.31
N PHE A 383 -4.06 -13.58 -22.31
CA PHE A 383 -4.37 -14.01 -23.67
C PHE A 383 -3.28 -13.45 -24.57
N THR A 384 -2.98 -14.17 -25.66
N THR A 384 -2.99 -14.07 -25.73
CA THR A 384 -2.22 -13.63 -26.76
CA THR A 384 -1.91 -13.52 -26.55
C THR A 384 -2.91 -14.05 -28.03
C THR A 384 -2.10 -13.42 -28.05
N ASP A 385 -2.38 -13.54 -29.13
N ASP A 385 -2.99 -14.21 -28.62
CA ASP A 385 -2.89 -13.80 -30.46
CA ASP A 385 -3.11 -14.14 -30.07
C ASP A 385 -4.40 -13.54 -30.55
C ASP A 385 -4.49 -13.63 -30.44
N MET A 386 -4.85 -12.50 -29.82
CA MET A 386 -6.23 -11.99 -29.91
C MET A 386 -6.66 -11.75 -31.34
N ALA A 387 -7.61 -12.54 -31.82
CA ALA A 387 -8.31 -12.17 -33.05
C ALA A 387 -8.86 -10.73 -33.00
N ARG A 388 -9.24 -10.22 -34.15
CA ARG A 388 -9.67 -8.85 -34.22
C ARG A 388 -11.01 -8.71 -34.93
N LEU A 389 -11.72 -7.64 -34.58
CA LEU A 389 -12.92 -7.26 -35.33
C LEU A 389 -12.50 -7.25 -36.78
N GLY A 390 -13.26 -7.97 -37.61
CA GLY A 390 -12.88 -8.12 -38.99
C GLY A 390 -12.42 -9.53 -39.31
N ASP A 391 -11.68 -10.16 -38.41
CA ASP A 391 -11.05 -11.45 -38.71
C ASP A 391 -12.06 -12.52 -39.09
N SER A 392 -11.73 -13.25 -40.13
CA SER A 392 -12.53 -14.38 -40.51
C SER A 392 -12.19 -15.51 -39.54
N ILE A 393 -13.20 -16.25 -39.13
CA ILE A 393 -13.02 -17.29 -38.12
C ILE A 393 -13.43 -18.63 -38.68
N ASP A 394 -12.49 -19.55 -38.79
CA ASP A 394 -12.84 -20.94 -39.09
C ASP A 394 -12.57 -21.76 -37.84
N GLY A 395 -12.28 -23.06 -38.03
CA GLY A 395 -11.90 -23.93 -36.94
C GLY A 395 -10.39 -24.07 -36.91
N GLN A 396 -9.72 -23.44 -37.87
CA GLN A 396 -8.26 -23.45 -37.93
C GLN A 396 -7.65 -22.16 -37.41
N ARG A 397 -8.50 -21.15 -37.18
CA ARG A 397 -8.04 -19.89 -36.63
C ARG A 397 -8.65 -19.58 -35.27
N PRO A 398 -7.78 -19.46 -34.26
CA PRO A 398 -8.17 -19.29 -32.85
C PRO A 398 -8.63 -17.88 -32.56
N LEU A 399 -9.60 -17.76 -31.66
CA LEU A 399 -10.00 -16.45 -31.12
C LEU A 399 -8.83 -15.82 -30.40
N ALA A 400 -8.12 -16.67 -29.64
CA ALA A 400 -6.99 -16.27 -28.81
C ALA A 400 -6.15 -17.48 -28.38
N VAL A 401 -4.95 -17.22 -27.86
CA VAL A 401 -4.26 -18.27 -27.13
C VAL A 401 -4.34 -17.94 -25.64
N ILE A 402 -5.13 -18.72 -24.92
CA ILE A 402 -5.22 -18.61 -23.47
C ILE A 402 -4.04 -19.22 -22.74
N HIS A 403 -3.30 -18.40 -22.01
CA HIS A 403 -2.25 -18.89 -21.13
C HIS A 403 -2.79 -18.99 -19.69
N ALA A 404 -2.87 -20.21 -19.16
CA ALA A 404 -3.39 -20.41 -17.81
C ALA A 404 -2.40 -21.16 -16.91
N LYS A 405 -2.72 -21.23 -15.61
CA LYS A 405 -1.93 -21.91 -14.61
C LYS A 405 -2.26 -23.40 -14.58
N ASP A 406 -3.46 -23.75 -15.02
CA ASP A 406 -3.88 -25.14 -15.09
C ASP A 406 -5.07 -25.35 -16.03
N GLU A 407 -5.36 -26.60 -16.37
CA GLU A 407 -6.46 -26.91 -17.29
C GLU A 407 -7.84 -26.53 -16.72
N ALA A 408 -7.96 -26.43 -15.40
CA ALA A 408 -9.25 -26.06 -14.81
C ALA A 408 -9.53 -24.57 -15.06
N SER A 409 -8.57 -23.72 -14.72
CA SER A 409 -8.68 -22.31 -15.02
C SER A 409 -8.69 -22.07 -16.54
N TRP A 410 -7.97 -22.89 -17.31
CA TRP A 410 -7.93 -22.68 -18.76
C TRP A 410 -9.30 -22.86 -19.40
N GLN A 411 -10.07 -23.80 -18.88
CA GLN A 411 -11.28 -24.24 -19.54
C GLN A 411 -12.40 -23.23 -19.31
N GLU A 412 -12.48 -22.71 -18.08
CA GLU A 412 -13.43 -21.66 -17.75
C GLU A 412 -13.08 -20.42 -18.57
N ALA A 413 -11.78 -20.15 -18.68
CA ALA A 413 -11.31 -19.02 -19.44
C ALA A 413 -11.77 -19.12 -20.89
N ALA A 414 -11.86 -20.34 -21.41
CA ALA A 414 -12.28 -20.55 -22.79
C ALA A 414 -13.78 -20.32 -22.98
N LYS A 415 -14.56 -20.73 -22.00
CA LYS A 415 -16.00 -20.54 -22.09
C LYS A 415 -16.26 -19.03 -22.04
N ALA A 416 -15.59 -18.34 -21.13
CA ALA A 416 -15.67 -16.88 -21.00
C ALA A 416 -15.29 -16.18 -22.29
N VAL A 417 -14.26 -16.68 -22.95
CA VAL A 417 -13.76 -16.01 -24.16
C VAL A 417 -14.74 -16.22 -25.29
N LYS A 418 -15.24 -17.44 -25.47
CA LYS A 418 -16.13 -17.72 -26.58
C LYS A 418 -17.39 -16.89 -26.42
N ALA A 419 -17.79 -16.73 -25.16
CA ALA A 419 -19.00 -16.05 -24.78
C ALA A 419 -18.90 -14.54 -25.00
N ALA A 420 -17.70 -14.01 -24.91
CA ALA A 420 -17.51 -12.57 -24.96
C ALA A 420 -17.27 -12.04 -26.37
N ILE A 421 -17.14 -12.95 -27.33
CA ILE A 421 -16.85 -12.58 -28.71
C ILE A 421 -18.05 -12.93 -29.56
N ILE A 422 -18.40 -12.05 -30.50
CA ILE A 422 -19.61 -12.25 -31.29
C ILE A 422 -19.27 -12.39 -32.78
N LEU A 423 -19.80 -13.43 -33.39
CA LEU A 423 -19.53 -13.69 -34.80
C LEU A 423 -20.75 -13.40 -35.66
N ASP A 424 -20.52 -13.14 -36.94
CA ASP A 424 -21.61 -12.84 -37.85
C ASP A 424 -21.32 -13.36 -39.25
N ASP A 425 -22.38 -13.70 -39.98
CA ASP A 425 -22.23 -14.27 -41.33
C ASP A 425 -21.56 -13.31 -42.31
N LYS A 426 -21.68 -12.01 -42.05
CA LYS A 426 -21.08 -11.05 -42.94
C LYS A 426 -20.23 -10.09 -42.15
N ALA A 427 -19.19 -9.57 -42.79
CA ALA A 427 -18.19 -8.80 -42.09
C ALA A 427 -18.65 -7.45 -41.66
N PRO A 428 -18.13 -6.99 -40.55
CA PRO A 428 -18.40 -5.67 -40.04
C PRO A 428 -17.44 -4.75 -40.69
N ALA A 429 -17.46 -3.50 -40.34
CA ALA A 429 -16.67 -2.56 -41.08
C ALA A 429 -15.56 -1.95 -40.30
N SER A 430 -14.54 -1.51 -41.00
CA SER A 430 -13.41 -0.91 -40.32
C SER A 430 -13.84 0.37 -39.62
N THR A 431 -13.17 0.69 -38.51
CA THR A 431 -13.26 1.98 -37.85
C THR A 431 -11.85 2.50 -37.62
N PRO A 432 -11.67 3.82 -37.50
CA PRO A 432 -10.31 4.25 -37.13
C PRO A 432 -9.90 3.71 -35.76
N SER A 433 -8.59 3.68 -35.47
CA SER A 433 -8.09 3.40 -34.12
C SER A 433 -8.07 4.70 -33.32
N VAL A 434 -7.68 5.77 -34.01
CA VAL A 434 -7.64 7.12 -33.45
C VAL A 434 -8.72 7.97 -34.10
N TYR A 435 -9.56 8.64 -33.30
CA TYR A 435 -10.58 9.57 -33.86
C TYR A 435 -10.07 11.01 -33.75
N ARG A 436 -10.75 11.85 -32.98
CA ARG A 436 -10.50 13.29 -33.03
C ARG A 436 -9.34 13.79 -32.18
N ARG A 437 -8.59 14.73 -32.73
CA ARG A 437 -7.60 15.46 -31.98
C ARG A 437 -8.17 16.75 -31.40
N ILE A 438 -8.07 16.90 -30.08
CA ILE A 438 -8.70 18.03 -29.43
C ILE A 438 -7.67 18.97 -28.83
N THR A 439 -7.55 20.15 -29.43
CA THR A 439 -6.64 21.19 -28.93
C THR A 439 -7.27 22.14 -27.91
N GLU A 440 -8.54 22.46 -28.06
CA GLU A 440 -9.16 23.34 -27.08
C GLU A 440 -10.67 23.42 -27.23
N MET B 1 20.37 -37.47 -0.37
CA MET B 1 20.75 -36.25 0.32
C MET B 1 19.60 -35.25 0.36
N PHE B 2 19.91 -33.96 0.22
CA PHE B 2 18.92 -32.94 0.57
C PHE B 2 17.92 -32.54 -0.53
N LEU B 3 18.31 -32.51 -1.81
CA LEU B 3 17.47 -31.97 -2.89
C LEU B 3 17.08 -30.48 -2.65
N ALA B 4 17.66 -29.88 -1.61
CA ALA B 4 17.38 -28.50 -1.26
C ALA B 4 17.74 -27.60 -2.42
N GLN B 5 18.90 -27.90 -3.02
CA GLN B 5 19.43 -27.09 -4.11
C GLN B 5 18.57 -27.18 -5.36
N GLU B 6 17.82 -28.26 -5.51
CA GLU B 6 16.95 -28.36 -6.67
C GLU B 6 15.70 -27.53 -6.45
N ILE B 7 15.44 -27.20 -5.19
CA ILE B 7 14.33 -26.32 -4.86
C ILE B 7 14.75 -24.86 -5.04
N ILE B 8 16.00 -24.57 -4.67
CA ILE B 8 16.57 -23.26 -4.94
C ILE B 8 16.58 -22.99 -6.44
N ARG B 9 17.06 -23.96 -7.20
CA ARG B 9 17.18 -23.83 -8.66
C ARG B 9 15.81 -23.64 -9.28
N LYS B 10 14.80 -24.24 -8.68
CA LYS B 10 13.45 -24.20 -9.22
C LYS B 10 12.84 -22.80 -9.09
N LYS B 11 13.18 -22.11 -8.00
CA LYS B 11 12.61 -20.80 -7.75
C LYS B 11 13.41 -19.73 -8.48
N ARG B 12 14.72 -19.89 -8.50
CA ARG B 12 15.53 -19.21 -9.49
C ARG B 12 14.92 -19.65 -10.81
N ASP B 13 14.89 -18.77 -11.81
CA ASP B 13 14.17 -19.05 -13.06
C ASP B 13 12.65 -19.09 -12.85
N GLY B 14 12.20 -18.60 -11.69
CA GLY B 14 10.80 -18.27 -11.42
C GLY B 14 9.74 -19.35 -11.55
N HIS B 15 9.78 -20.35 -10.67
CA HIS B 15 8.75 -21.40 -10.68
C HIS B 15 8.14 -21.61 -9.30
N ALA B 16 6.88 -22.03 -9.27
CA ALA B 16 6.19 -22.32 -8.01
C ALA B 16 6.77 -23.57 -7.36
N LEU B 17 6.94 -23.47 -6.03
CA LEU B 17 7.44 -24.53 -5.16
C LEU B 17 6.51 -25.74 -4.91
N SER B 18 5.27 -25.48 -4.57
CA SER B 18 4.33 -26.57 -4.35
C SER B 18 4.15 -27.16 -2.97
N ASP B 19 4.66 -26.55 -1.94
CA ASP B 19 4.29 -27.00 -0.61
C ASP B 19 4.99 -28.24 -0.19
N GLU B 20 4.86 -29.32 -0.94
CA GLU B 20 5.50 -30.52 -0.52
C GLU B 20 6.93 -30.07 -0.49
N GLU B 21 7.31 -29.37 -1.53
CA GLU B 21 8.63 -28.82 -1.61
C GLU B 21 8.87 -27.81 -0.55
N ILE B 22 7.94 -26.89 -0.34
CA ILE B 22 8.12 -25.85 0.69
C ILE B 22 8.14 -26.35 2.13
N ARG B 23 7.18 -27.18 2.50
CA ARG B 23 7.20 -27.82 3.81
C ARG B 23 8.50 -28.57 4.08
N PHE B 24 9.05 -29.22 3.06
CA PHE B 24 10.30 -29.96 3.24
C PHE B 24 11.45 -28.99 3.53
N PHE B 25 11.50 -27.88 2.81
CA PHE B 25 12.58 -26.93 2.98
C PHE B 25 12.50 -26.20 4.33
N ILE B 26 11.30 -25.87 4.79
CA ILE B 26 11.14 -25.21 6.10
C ILE B 26 11.68 -26.12 7.24
N ASN B 27 11.31 -27.39 7.23
CA ASN B 27 11.80 -28.33 8.24
C ASN B 27 13.33 -28.50 8.29
N GLY B 28 13.97 -28.59 7.13
CA GLY B 28 15.42 -28.67 7.07
C GLY B 28 16.10 -27.51 7.76
N ILE B 29 15.48 -26.32 7.65
CA ILE B 29 15.91 -25.12 8.37
C ILE B 29 15.87 -25.34 9.87
N ARG B 30 14.70 -25.75 10.35
CA ARG B 30 14.47 -25.99 11.77
C ARG B 30 15.38 -27.09 12.30
N ASP B 31 15.43 -28.21 11.60
CA ASP B 31 16.28 -29.32 11.99
C ASP B 31 17.76 -29.06 11.78
N ASN B 32 18.06 -28.03 11.05
CA ASN B 32 19.44 -27.64 10.72
C ASN B 32 20.08 -28.56 9.67
N THR B 33 19.25 -29.27 8.91
CA THR B 33 19.78 -30.14 7.87
C THR B 33 19.92 -29.43 6.53
N ILE B 34 19.78 -28.09 6.54
CA ILE B 34 19.99 -27.30 5.32
C ILE B 34 20.95 -26.13 5.59
N SER B 35 21.93 -25.98 4.71
CA SER B 35 23.02 -25.03 4.90
C SER B 35 22.53 -23.58 4.97
N GLU B 36 23.33 -22.70 5.59
CA GLU B 36 23.03 -21.29 5.63
C GLU B 36 23.03 -20.69 4.23
N GLY B 37 23.92 -21.17 3.40
CA GLY B 37 24.00 -20.69 2.03
C GLY B 37 22.74 -21.04 1.24
N GLN B 38 22.12 -22.17 1.58
CA GLN B 38 20.94 -22.62 0.85
C GLN B 38 19.69 -21.85 1.29
N ILE B 39 19.73 -21.36 2.52
CA ILE B 39 18.66 -20.54 3.04
C ILE B 39 18.80 -19.18 2.37
N ALA B 40 19.99 -18.62 2.44
CA ALA B 40 20.29 -17.35 1.77
C ALA B 40 19.85 -17.34 0.31
N ALA B 41 20.41 -18.25 -0.49
CA ALA B 41 20.07 -18.38 -1.90
C ALA B 41 18.56 -18.44 -2.16
N LEU B 42 17.83 -19.15 -1.31
CA LEU B 42 16.41 -19.31 -1.53
C LEU B 42 15.68 -18.02 -1.13
N ALA B 43 16.18 -17.35 -0.10
CA ALA B 43 15.59 -16.09 0.31
C ALA B 43 15.79 -15.10 -0.83
N MET B 44 17.01 -15.08 -1.35
CA MET B 44 17.40 -14.17 -2.41
C MET B 44 16.63 -14.44 -3.68
N THR B 45 16.37 -15.71 -3.94
CA THR B 45 15.72 -16.10 -5.17
C THR B 45 14.25 -15.73 -5.08
N ILE B 46 13.76 -15.60 -3.85
CA ILE B 46 12.40 -15.19 -3.62
C ILE B 46 12.27 -13.68 -3.70
N PHE B 47 13.22 -12.96 -3.10
CA PHE B 47 13.25 -11.50 -3.23
C PHE B 47 13.14 -11.08 -4.68
N PHE B 48 13.90 -11.73 -5.55
CA PHE B 48 13.82 -11.41 -6.96
C PHE B 48 12.47 -11.82 -7.56
N HIS B 49 12.02 -13.03 -7.28
CA HIS B 49 10.91 -13.61 -8.03
C HIS B 49 9.56 -13.63 -7.30
N ASP B 50 9.55 -13.35 -6.00
CA ASP B 50 8.32 -13.30 -5.19
C ASP B 50 7.56 -14.63 -5.18
N MET B 51 6.48 -14.72 -4.41
CA MET B 51 5.71 -15.97 -4.32
C MET B 51 4.22 -15.78 -4.56
N THR B 52 3.61 -16.83 -5.08
CA THR B 52 2.16 -16.85 -5.29
C THR B 52 1.44 -16.94 -3.96
N MET B 53 0.13 -16.69 -3.95
CA MET B 53 -0.66 -16.83 -2.73
C MET B 53 -0.62 -18.28 -2.20
N PRO B 54 -0.83 -19.28 -3.09
CA PRO B 54 -0.67 -20.65 -2.58
C PRO B 54 0.75 -20.95 -2.11
N GLU B 55 1.74 -20.25 -2.65
CA GLU B 55 3.09 -20.38 -2.14
C GLU B 55 3.23 -19.62 -0.83
N ARG B 56 2.56 -18.46 -0.75
CA ARG B 56 2.63 -17.62 0.43
C ARG B 56 2.02 -18.35 1.63
N VAL B 57 0.85 -18.94 1.44
CA VAL B 57 0.18 -19.62 2.53
C VAL B 57 0.97 -20.83 2.98
N SER B 58 1.46 -21.59 2.00
CA SER B 58 2.31 -22.75 2.26
C SER B 58 3.52 -22.36 3.08
N LEU B 59 4.18 -21.28 2.68
CA LEU B 59 5.38 -20.82 3.37
C LEU B 59 5.07 -20.57 4.83
N THR B 60 3.99 -19.85 5.07
CA THR B 60 3.62 -19.44 6.41
C THR B 60 3.08 -20.61 7.22
N MET B 61 2.16 -21.38 6.62
CA MET B 61 1.61 -22.55 7.28
C MET B 61 2.72 -23.53 7.64
N ALA B 62 3.79 -23.53 6.85
CA ALA B 62 4.88 -24.46 7.09
C ALA B 62 5.69 -23.99 8.28
N MET B 63 6.00 -22.70 8.31
CA MET B 63 6.76 -22.15 9.43
C MET B 63 5.92 -22.24 10.69
N ARG B 64 4.61 -22.17 10.54
CA ARG B 64 3.69 -22.22 11.68
C ARG B 64 3.63 -23.64 12.28
N ASP B 65 3.78 -24.66 11.44
CA ASP B 65 3.71 -26.04 11.90
C ASP B 65 5.08 -26.60 12.31
N SER B 66 6.12 -25.80 12.18
CA SER B 66 7.46 -26.27 12.53
C SER B 66 7.64 -26.35 14.05
N GLY B 67 6.81 -25.65 14.80
CA GLY B 67 6.81 -25.78 16.25
C GLY B 67 5.49 -26.32 16.75
N THR B 68 5.10 -25.92 17.96
CA THR B 68 3.78 -26.26 18.49
C THR B 68 2.74 -25.28 18.01
N VAL B 69 1.55 -25.77 17.72
CA VAL B 69 0.39 -24.91 17.50
C VAL B 69 -0.58 -25.13 18.66
N LEU B 70 -1.07 -24.03 19.24
CA LEU B 70 -1.87 -24.11 20.45
C LEU B 70 -3.30 -24.46 20.13
N ASP B 71 -3.92 -25.26 20.98
CA ASP B 71 -5.34 -25.53 20.84
C ASP B 71 -6.08 -25.22 22.12
N TRP B 72 -7.18 -24.49 21.98
CA TRP B 72 -8.04 -24.18 23.11
C TRP B 72 -9.36 -24.90 23.04
N LYS B 73 -9.50 -25.83 22.09
CA LYS B 73 -10.80 -26.41 21.83
C LYS B 73 -11.24 -27.12 23.06
N SER B 74 -10.28 -27.70 23.74
CA SER B 74 -10.57 -28.47 24.92
C SER B 74 -11.26 -27.68 25.99
N LEU B 75 -10.88 -26.42 26.12
CA LEU B 75 -11.30 -25.59 27.23
C LEU B 75 -12.77 -25.21 27.21
N ASN B 76 -13.40 -25.45 26.07
CA ASN B 76 -14.81 -25.24 25.98
C ASN B 76 -15.11 -23.81 26.29
N LEU B 77 -14.23 -22.92 25.87
CA LEU B 77 -14.43 -21.49 26.05
C LEU B 77 -15.60 -20.93 25.26
N ASN B 78 -16.39 -20.09 25.92
CA ASN B 78 -17.58 -19.46 25.36
C ASN B 78 -17.31 -18.47 24.23
N GLY B 79 -16.17 -17.79 24.29
CA GLY B 79 -15.86 -16.72 23.37
C GLY B 79 -14.66 -17.00 22.49
N PRO B 80 -14.41 -16.10 21.53
CA PRO B 80 -13.39 -16.24 20.47
C PRO B 80 -11.94 -16.04 20.93
N ILE B 81 -11.04 -16.89 20.46
CA ILE B 81 -9.61 -16.69 20.68
C ILE B 81 -9.13 -15.59 19.72
N VAL B 82 -8.88 -14.39 20.25
CA VAL B 82 -8.46 -13.26 19.42
C VAL B 82 -7.08 -12.76 19.84
N ASP B 83 -6.39 -12.11 18.91
CA ASP B 83 -5.16 -11.42 19.26
C ASP B 83 -4.84 -10.30 18.26
N LYS B 84 -3.84 -9.50 18.62
CA LYS B 84 -3.38 -8.40 17.80
C LYS B 84 -1.87 -8.49 17.66
N HIS B 85 -1.35 -8.16 16.49
CA HIS B 85 0.08 -7.99 16.35
C HIS B 85 0.40 -6.64 15.71
N SER B 86 1.45 -5.99 16.21
CA SER B 86 1.84 -4.69 15.71
C SER B 86 3.30 -4.73 15.27
N THR B 87 3.66 -3.96 14.24
CA THR B 87 5.05 -3.80 13.88
C THR B 87 5.71 -2.75 14.78
N GLY B 88 4.93 -2.24 15.72
CA GLY B 88 5.42 -1.42 16.81
C GLY B 88 6.11 -0.11 16.48
N GLY B 89 6.45 0.63 17.53
CA GLY B 89 7.08 1.94 17.44
C GLY B 89 7.17 2.58 18.81
N VAL B 90 7.70 3.79 18.87
CA VAL B 90 7.87 4.49 20.13
C VAL B 90 6.54 4.95 20.76
N GLY B 91 6.18 4.37 21.91
CA GLY B 91 4.94 4.73 22.57
C GLY B 91 3.80 3.74 22.34
N ASP B 92 4.01 2.78 21.46
CA ASP B 92 2.96 1.82 21.16
C ASP B 92 2.67 0.87 22.32
N VAL B 93 1.82 1.30 23.26
CA VAL B 93 1.55 0.53 24.47
C VAL B 93 0.16 -0.13 24.39
N THR B 94 -0.47 0.00 23.22
CA THR B 94 -1.88 -0.33 23.01
C THR B 94 -2.34 -1.66 23.61
N SER B 95 -1.45 -2.65 23.60
CA SER B 95 -1.79 -4.01 24.00
C SER B 95 -2.12 -4.10 25.48
N LEU B 96 -1.47 -3.24 26.26
CA LEU B 96 -1.64 -3.26 27.70
C LEU B 96 -3.09 -2.93 28.08
N MET B 97 -3.74 -2.08 27.29
CA MET B 97 -5.16 -1.78 27.49
C MET B 97 -6.02 -2.67 26.62
N LEU B 98 -5.52 -3.01 25.42
CA LEU B 98 -6.31 -3.73 24.43
C LEU B 98 -6.72 -5.11 24.90
N GLY B 99 -5.77 -5.82 25.50
CA GLY B 99 -6.01 -7.16 25.98
C GLY B 99 -7.04 -7.22 27.08
N PRO B 100 -6.88 -6.38 28.10
CA PRO B 100 -7.95 -6.35 29.09
C PRO B 100 -9.29 -5.81 28.51
N MET B 101 -9.26 -4.84 27.61
CA MET B 101 -10.51 -4.33 27.04
C MET B 101 -11.29 -5.37 26.27
N VAL B 102 -10.59 -6.14 25.43
CA VAL B 102 -11.22 -7.17 24.62
C VAL B 102 -11.67 -8.31 25.52
N ALA B 103 -10.84 -8.64 26.50
CA ALA B 103 -11.20 -9.68 27.46
C ALA B 103 -12.48 -9.24 28.16
N ALA B 104 -12.51 -7.97 28.55
CA ALA B 104 -13.68 -7.40 29.23
C ALA B 104 -14.97 -7.49 28.41
N CYS B 105 -14.85 -7.79 27.11
CA CYS B 105 -16.04 -7.84 26.27
C CYS B 105 -16.39 -9.24 25.75
N GLY B 106 -15.65 -10.26 26.16
CA GLY B 106 -16.01 -11.62 25.81
C GLY B 106 -14.93 -12.41 25.08
N GLY B 107 -13.93 -11.71 24.56
CA GLY B 107 -12.86 -12.35 23.82
C GLY B 107 -11.79 -12.89 24.74
N TYR B 108 -11.07 -13.89 24.25
CA TYR B 108 -9.90 -14.44 24.95
C TYR B 108 -8.64 -14.11 24.18
N VAL B 109 -7.67 -13.57 24.86
CA VAL B 109 -6.52 -12.99 24.21
C VAL B 109 -5.21 -13.55 24.66
N PRO B 110 -4.68 -14.51 23.94
CA PRO B 110 -3.40 -15.08 24.30
C PRO B 110 -2.29 -14.35 23.61
N MET B 111 -1.79 -13.28 24.15
CA MET B 111 -0.77 -12.59 23.42
C MET B 111 0.52 -13.16 23.82
N ILE B 112 1.17 -13.79 22.88
CA ILE B 112 2.48 -14.28 23.14
C ILE B 112 3.29 -13.35 22.35
N SER B 113 4.25 -12.74 22.97
CA SER B 113 4.91 -11.65 22.35
C SER B 113 6.36 -11.98 22.35
N GLY B 114 7.06 -11.37 21.44
CA GLY B 114 8.46 -11.69 21.22
C GLY B 114 9.47 -10.68 21.64
N ARG B 115 10.75 -11.07 21.56
CA ARG B 115 11.84 -10.27 22.09
C ARG B 115 12.15 -8.94 21.42
N GLY B 116 12.73 -8.06 22.21
CA GLY B 116 12.99 -6.67 21.89
C GLY B 116 14.07 -6.42 20.89
N LEU B 117 14.81 -7.44 20.55
CA LEU B 117 15.77 -7.31 19.49
C LEU B 117 14.90 -7.01 18.30
N GLY B 118 15.56 -6.48 17.27
CA GLY B 118 14.97 -5.74 16.18
C GLY B 118 15.16 -4.27 16.51
N HIS B 119 15.68 -4.04 17.71
CA HIS B 119 16.01 -2.71 18.17
C HIS B 119 14.77 -2.14 18.81
N THR B 120 14.91 -1.15 19.68
CA THR B 120 13.74 -0.58 20.35
C THR B 120 13.19 -1.42 21.51
N GLY B 121 12.22 -0.86 22.24
CA GLY B 121 11.63 -1.53 23.39
C GLY B 121 10.27 -2.19 23.25
N GLY B 122 10.20 -3.45 23.72
CA GLY B 122 9.04 -4.33 23.64
C GLY B 122 7.89 -4.26 24.65
N THR B 123 6.78 -4.91 24.29
CA THR B 123 5.65 -5.02 25.21
C THR B 123 5.99 -5.82 26.48
N LEU B 124 6.74 -6.90 26.31
CA LEU B 124 7.15 -7.73 27.43
C LEU B 124 8.10 -7.04 28.37
N ASP B 125 8.96 -6.21 27.82
CA ASP B 125 9.89 -5.41 28.60
C ASP B 125 9.13 -4.50 29.55
N LYS B 126 8.16 -3.77 28.99
CA LYS B 126 7.30 -2.85 29.73
C LYS B 126 6.66 -3.54 30.93
N LEU B 127 5.99 -4.67 30.66
CA LEU B 127 5.34 -5.45 31.71
C LEU B 127 6.28 -5.90 32.83
N GLU B 128 7.57 -6.09 32.54
CA GLU B 128 8.47 -6.60 33.55
C GLU B 128 8.98 -5.50 34.45
N ALA B 129 8.60 -4.26 34.15
CA ALA B 129 8.86 -3.15 35.06
C ALA B 129 8.03 -3.33 36.33
N ILE B 130 6.92 -4.04 36.21
CA ILE B 130 6.10 -4.42 37.36
C ILE B 130 6.81 -5.45 38.22
N PRO B 131 7.15 -5.07 39.47
CA PRO B 131 7.78 -6.02 40.40
C PRO B 131 6.97 -7.28 40.58
N GLY B 132 7.55 -8.42 40.22
CA GLY B 132 6.91 -9.69 40.44
C GLY B 132 6.31 -10.27 39.16
N PHE B 133 6.12 -9.43 38.15
CA PHE B 133 5.52 -9.89 36.91
C PHE B 133 6.36 -11.01 36.24
N ASP B 134 5.69 -12.12 35.94
CA ASP B 134 6.34 -13.26 35.29
C ASP B 134 5.71 -13.59 33.93
N ILE B 135 6.47 -13.29 32.88
CA ILE B 135 6.10 -13.55 31.50
C ILE B 135 6.23 -15.00 31.01
N PHE B 136 6.65 -15.94 31.86
CA PHE B 136 6.77 -17.34 31.42
C PHE B 136 6.03 -18.36 32.26
N PRO B 137 4.68 -18.34 32.21
CA PRO B 137 3.88 -19.39 32.85
C PRO B 137 3.93 -20.68 32.03
N ASP B 138 3.75 -21.84 32.65
CA ASP B 138 3.79 -23.08 31.88
C ASP B 138 2.46 -23.29 31.17
N ASP B 139 2.44 -24.26 30.25
CA ASP B 139 1.31 -24.45 29.33
C ASP B 139 -0.06 -24.47 30.03
N ASN B 140 -0.13 -25.08 31.22
CA ASN B 140 -1.39 -25.10 31.95
C ASN B 140 -1.69 -23.78 32.63
N ARG B 141 -0.68 -23.20 33.27
CA ARG B 141 -0.86 -21.92 33.95
C ARG B 141 -1.38 -20.88 32.97
N PHE B 142 -0.75 -20.79 31.81
CA PHE B 142 -1.19 -19.92 30.72
C PHE B 142 -2.65 -20.19 30.38
N ARG B 143 -3.03 -21.46 30.39
CA ARG B 143 -4.38 -21.84 29.98
C ARG B 143 -5.43 -21.47 31.02
N GLU B 144 -5.16 -21.73 32.29
CA GLU B 144 -6.15 -21.44 33.32
C GLU B 144 -6.23 -19.93 33.55
N ILE B 145 -5.13 -19.22 33.33
CA ILE B 145 -5.18 -17.75 33.32
C ILE B 145 -6.14 -17.25 32.25
N ILE B 146 -5.86 -17.59 30.99
CA ILE B 146 -6.71 -17.20 29.88
C ILE B 146 -8.14 -17.63 30.13
N GLN B 147 -8.30 -18.77 30.78
CA GLN B 147 -9.63 -19.29 31.06
C GLN B 147 -10.38 -18.47 32.12
N ASP B 148 -9.63 -17.91 33.07
CA ASP B 148 -10.22 -17.22 34.22
C ASP B 148 -10.25 -15.71 34.08
N VAL B 149 -9.18 -15.13 33.55
CA VAL B 149 -9.10 -13.68 33.39
C VAL B 149 -9.36 -13.25 31.94
N GLY B 150 -9.17 -14.18 31.00
CA GLY B 150 -9.44 -13.91 29.60
C GLY B 150 -8.30 -13.32 28.78
N VAL B 151 -7.20 -12.95 29.45
CA VAL B 151 -6.07 -12.36 28.76
C VAL B 151 -4.80 -12.54 29.56
N ALA B 152 -3.73 -12.83 28.85
CA ALA B 152 -2.42 -12.92 29.45
C ALA B 152 -1.42 -12.41 28.42
N ILE B 153 -0.36 -11.78 28.87
CA ILE B 153 0.70 -11.37 27.96
C ILE B 153 1.99 -12.00 28.40
N ILE B 154 2.44 -13.00 27.63
CA ILE B 154 3.58 -13.83 28.02
C ILE B 154 4.66 -13.85 26.95
N GLY B 155 5.89 -14.13 27.39
CA GLY B 155 7.03 -14.22 26.49
C GLY B 155 7.07 -15.53 25.73
N GLN B 156 7.83 -15.54 24.64
CA GLN B 156 7.80 -16.61 23.67
C GLN B 156 8.63 -17.84 24.05
N THR B 157 8.07 -19.01 23.74
CA THR B 157 8.72 -20.28 24.01
C THR B 157 9.68 -20.69 22.88
N SER B 158 10.47 -21.71 23.16
CA SER B 158 11.37 -22.29 22.17
C SER B 158 10.59 -22.92 21.01
N SER B 159 9.34 -23.28 21.28
CA SER B 159 8.60 -24.11 20.37
C SER B 159 7.61 -23.37 19.45
N LEU B 160 7.73 -22.05 19.37
CA LEU B 160 6.80 -21.28 18.54
C LEU B 160 7.46 -20.78 17.25
N ALA B 161 7.07 -21.40 16.14
CA ALA B 161 7.68 -21.16 14.82
C ALA B 161 9.22 -21.14 14.80
N PRO B 162 9.87 -22.17 15.39
CA PRO B 162 11.34 -22.16 15.51
C PRO B 162 12.09 -22.14 14.17
N ALA B 163 11.41 -22.45 13.08
CA ALA B 163 12.01 -22.37 11.75
C ALA B 163 12.40 -20.94 11.37
N ASP B 164 11.64 -19.97 11.87
CA ASP B 164 11.87 -18.57 11.49
C ASP B 164 13.19 -18.09 12.06
N LYS B 165 13.61 -18.74 13.14
CA LYS B 165 14.78 -18.33 13.91
C LYS B 165 15.99 -18.17 13.00
N ARG B 166 16.51 -19.29 12.49
CA ARG B 166 17.67 -19.27 11.61
C ARG B 166 17.35 -18.58 10.31
N PHE B 167 16.11 -18.82 9.83
CA PHE B 167 15.58 -18.17 8.63
C PHE B 167 15.75 -16.67 8.65
N TYR B 168 15.18 -16.01 9.67
CA TYR B 168 15.30 -14.55 9.78
C TYR B 168 16.74 -14.16 10.08
N ALA B 169 17.39 -14.97 10.91
CA ALA B 169 18.81 -14.80 11.25
C ALA B 169 19.70 -14.63 10.03
N THR B 170 19.56 -15.53 9.08
CA THR B 170 20.38 -15.42 7.89
C THR B 170 19.83 -14.37 6.94
N ARG B 171 18.53 -14.15 6.92
CA ARG B 171 17.97 -13.08 6.11
C ARG B 171 18.60 -11.74 6.47
N ASP B 172 18.92 -11.56 7.75
CA ASP B 172 19.34 -10.27 8.28
C ASP B 172 20.81 -9.98 8.04
N ILE B 173 21.47 -10.89 7.33
CA ILE B 173 22.90 -10.77 7.08
C ILE B 173 23.14 -10.76 5.59
N THR B 174 22.16 -11.29 4.87
CA THR B 174 22.22 -11.45 3.43
C THR B 174 21.42 -10.42 2.63
N ALA B 175 20.80 -9.45 3.31
CA ALA B 175 19.98 -8.43 2.65
C ALA B 175 18.80 -9.05 1.91
N THR B 176 18.16 -10.03 2.52
CA THR B 176 16.96 -10.62 1.95
C THR B 176 15.79 -10.41 2.93
N VAL B 177 15.91 -9.32 3.67
CA VAL B 177 14.93 -8.91 4.63
C VAL B 177 13.68 -8.30 3.97
N ASP B 178 13.89 -7.24 3.18
CA ASP B 178 12.78 -6.57 2.49
C ASP B 178 12.16 -7.45 1.43
N SER B 179 11.50 -8.51 1.86
CA SER B 179 10.65 -9.25 0.95
C SER B 179 9.33 -9.48 1.62
N ILE B 180 8.29 -8.95 1.01
CA ILE B 180 6.98 -8.98 1.64
C ILE B 180 6.57 -10.42 1.96
N PRO B 181 6.62 -11.33 0.98
CA PRO B 181 6.13 -12.65 1.38
C PRO B 181 7.02 -13.31 2.41
N LEU B 182 8.30 -12.92 2.46
CA LEU B 182 9.21 -13.41 3.49
C LEU B 182 8.86 -12.78 4.83
N ILE B 183 8.58 -11.48 4.83
CA ILE B 183 8.14 -10.81 6.04
C ILE B 183 6.80 -11.37 6.49
N THR B 184 5.89 -11.50 5.53
CA THR B 184 4.55 -11.98 5.81
C THR B 184 4.62 -13.40 6.36
N GLY B 185 5.59 -14.17 5.90
CA GLY B 185 5.79 -15.53 6.37
C GLY B 185 6.29 -15.54 7.80
N SER B 186 7.37 -14.80 8.03
CA SER B 186 7.95 -14.61 9.35
C SER B 186 6.96 -14.09 10.42
N ILE B 187 6.32 -12.95 10.15
CA ILE B 187 5.47 -12.28 11.15
C ILE B 187 4.24 -13.09 11.57
N LEU B 188 3.51 -13.58 10.58
CA LEU B 188 2.25 -14.26 10.80
C LEU B 188 2.41 -15.60 11.51
N ALA B 189 3.47 -16.33 11.16
CA ALA B 189 3.66 -17.69 11.65
C ALA B 189 3.55 -17.79 13.17
N LYS B 190 4.39 -17.03 13.87
CA LYS B 190 4.36 -16.97 15.33
C LYS B 190 2.95 -16.64 15.86
N LYS B 191 2.31 -15.67 15.25
CA LYS B 191 1.02 -15.26 15.73
C LYS B 191 -0.08 -16.27 15.38
N LEU B 192 0.00 -16.86 14.20
CA LEU B 192 -1.00 -17.84 13.79
C LEU B 192 -0.87 -19.15 14.58
N ALA B 193 0.27 -19.32 15.25
CA ALA B 193 0.49 -20.54 16.01
C ALA B 193 -0.15 -20.47 17.40
N GLU B 194 -0.84 -19.37 17.66
CA GLU B 194 -1.48 -19.17 18.96
C GLU B 194 -2.88 -19.79 19.01
N GLY B 195 -3.44 -20.12 17.86
CA GLY B 195 -4.72 -20.80 17.81
C GLY B 195 -5.88 -19.87 17.53
N LEU B 196 -5.55 -18.74 16.91
CA LEU B 196 -6.48 -17.61 16.78
C LEU B 196 -7.69 -17.90 15.89
N ASP B 197 -8.89 -17.58 16.39
CA ASP B 197 -10.07 -17.53 15.54
C ASP B 197 -10.01 -16.28 14.68
N ALA B 198 -9.44 -15.21 15.24
CA ALA B 198 -9.36 -13.93 14.56
C ALA B 198 -8.11 -13.15 14.98
N LEU B 199 -7.77 -12.14 14.18
CA LEU B 199 -6.57 -11.37 14.42
C LEU B 199 -6.68 -10.01 13.75
N VAL B 200 -6.19 -8.96 14.39
CA VAL B 200 -6.04 -7.71 13.68
C VAL B 200 -4.56 -7.39 13.60
N MET B 201 -4.14 -6.80 12.51
CA MET B 201 -2.75 -6.42 12.35
C MET B 201 -2.61 -4.89 12.32
N ASP B 202 -1.76 -4.36 13.19
CA ASP B 202 -1.45 -2.94 13.20
C ASP B 202 -0.13 -2.69 12.47
N VAL B 203 -0.23 -2.13 11.25
CA VAL B 203 0.96 -1.82 10.44
C VAL B 203 1.30 -0.34 10.49
N LYS B 204 2.37 0.01 11.17
CA LYS B 204 2.74 1.41 11.35
C LYS B 204 3.14 2.11 10.04
N VAL B 205 2.92 3.43 10.02
CA VAL B 205 3.25 4.27 8.87
C VAL B 205 4.08 5.47 9.30
N GLY B 206 5.10 5.81 8.52
CA GLY B 206 5.87 7.01 8.75
C GLY B 206 7.32 6.82 9.17
N SER B 207 7.89 7.91 9.71
CA SER B 207 9.26 7.97 10.18
C SER B 207 9.60 6.93 11.24
N GLY B 208 8.59 6.46 11.95
CA GLY B 208 8.78 5.49 13.01
C GLY B 208 8.26 4.11 12.61
N ALA B 209 8.06 3.93 11.30
CA ALA B 209 7.48 2.69 10.81
C ALA B 209 8.54 1.69 10.30
N PHE B 210 8.17 0.43 10.27
CA PHE B 210 9.02 -0.65 9.77
C PHE B 210 9.28 -0.48 8.28
N MET B 211 8.20 -0.34 7.51
CA MET B 211 8.30 0.00 6.10
C MET B 211 8.65 1.48 5.90
N PRO B 212 9.46 1.78 4.86
CA PRO B 212 9.86 3.17 4.62
C PRO B 212 8.68 4.02 4.16
N THR B 213 7.99 3.57 3.12
CA THR B 213 6.98 4.37 2.45
C THR B 213 5.59 3.83 2.73
N TYR B 214 4.62 4.72 2.67
CA TYR B 214 3.23 4.36 2.86
C TYR B 214 2.85 3.15 2.02
N GLU B 215 3.24 3.17 0.75
CA GLU B 215 2.74 2.19 -0.20
C GLU B 215 3.24 0.80 0.16
N LEU B 216 4.44 0.73 0.73
CA LEU B 216 4.94 -0.55 1.16
C LEU B 216 4.18 -1.03 2.39
N SER B 217 3.87 -0.09 3.29
CA SER B 217 3.12 -0.45 4.50
C SER B 217 1.75 -0.99 4.16
N GLU B 218 1.16 -0.44 3.10
CA GLU B 218 -0.09 -0.96 2.53
C GLU B 218 0.09 -2.35 1.94
N ALA B 219 1.13 -2.48 1.12
CA ALA B 219 1.45 -3.75 0.48
C ALA B 219 1.58 -4.89 1.50
N LEU B 220 2.25 -4.62 2.60
CA LEU B 220 2.45 -5.67 3.59
C LEU B 220 1.15 -6.08 4.25
N ALA B 221 0.37 -5.08 4.68
CA ALA B 221 -0.96 -5.28 5.25
C ALA B 221 -1.82 -6.14 4.34
N GLU B 222 -1.86 -5.77 3.06
CA GLU B 222 -2.62 -6.53 2.08
C GLU B 222 -2.17 -7.99 2.04
N ALA B 223 -0.86 -8.20 1.92
CA ALA B 223 -0.32 -9.56 1.94
C ALA B 223 -0.73 -10.29 3.20
N ILE B 224 -0.47 -9.67 4.35
CA ILE B 224 -0.79 -10.28 5.63
C ILE B 224 -2.27 -10.62 5.74
N VAL B 225 -3.14 -9.70 5.34
CA VAL B 225 -4.57 -9.98 5.38
C VAL B 225 -4.87 -11.18 4.51
N GLY B 226 -4.26 -11.20 3.32
CA GLY B 226 -4.52 -12.23 2.35
C GLY B 226 -4.11 -13.59 2.85
N VAL B 227 -2.95 -13.65 3.49
CA VAL B 227 -2.38 -14.91 3.90
C VAL B 227 -3.02 -15.43 5.17
N ALA B 228 -3.15 -14.55 6.16
CA ALA B 228 -3.80 -14.86 7.42
C ALA B 228 -5.18 -15.42 7.15
N ASN B 229 -5.95 -14.69 6.36
CA ASN B 229 -7.26 -15.16 5.98
C ASN B 229 -7.15 -16.43 5.16
N GLY B 230 -6.18 -16.45 4.25
CA GLY B 230 -5.83 -17.67 3.54
C GLY B 230 -5.61 -18.79 4.54
N ALA B 231 -4.81 -18.53 5.57
CA ALA B 231 -4.37 -19.59 6.49
C ALA B 231 -5.45 -20.09 7.45
N GLY B 232 -6.65 -19.51 7.39
CA GLY B 232 -7.77 -19.99 8.18
C GLY B 232 -8.20 -19.07 9.32
N VAL B 233 -7.55 -17.92 9.43
CA VAL B 233 -7.81 -17.00 10.53
C VAL B 233 -8.36 -15.66 10.07
N ARG B 234 -9.56 -15.33 10.50
CA ARG B 234 -10.22 -14.10 10.14
C ARG B 234 -9.24 -13.03 10.44
N THR B 235 -9.09 -12.09 9.54
CA THR B 235 -8.03 -11.10 9.81
C THR B 235 -8.23 -9.80 9.08
N THR B 236 -8.00 -8.72 9.80
CA THR B 236 -8.08 -7.39 9.25
C THR B 236 -6.80 -6.66 9.62
N ALA B 237 -6.52 -5.54 8.97
CA ALA B 237 -5.29 -4.83 9.24
C ALA B 237 -5.45 -3.34 9.08
N LEU B 238 -5.08 -2.60 10.11
CA LEU B 238 -5.19 -1.16 10.09
C LEU B 238 -3.85 -0.52 9.89
N LEU B 239 -3.73 0.32 8.87
CA LEU B 239 -2.57 1.17 8.75
C LEU B 239 -2.68 2.33 9.75
N THR B 240 -1.90 2.29 10.83
CA THR B 240 -2.00 3.33 11.85
C THR B 240 -0.79 4.25 11.79
N ASP B 241 -0.81 5.32 12.53
CA ASP B 241 0.14 6.37 12.27
C ASP B 241 1.30 6.33 13.19
N MET B 242 2.50 6.55 12.70
CA MET B 242 3.66 6.69 13.58
C MET B 242 4.60 7.76 13.13
N ASN B 243 4.21 9.02 13.12
CA ASN B 243 5.18 10.04 12.83
C ASN B 243 5.57 10.73 14.09
N GLN B 244 4.98 10.29 15.19
CA GLN B 244 5.25 10.82 16.50
C GLN B 244 4.97 9.76 17.55
N VAL B 245 5.42 9.97 18.78
CA VAL B 245 5.11 9.06 19.89
C VAL B 245 3.60 8.85 20.00
N LEU B 246 3.15 7.60 19.98
CA LEU B 246 1.71 7.31 20.05
C LEU B 246 1.15 7.62 21.43
N ALA B 247 1.76 7.08 22.46
CA ALA B 247 1.39 7.46 23.81
C ALA B 247 1.97 8.84 24.12
N SER B 248 1.98 9.20 25.38
CA SER B 248 2.55 10.48 25.80
C SER B 248 3.86 10.18 26.52
N SER B 249 4.09 8.89 26.72
CA SER B 249 5.31 8.43 27.36
C SER B 249 6.03 7.37 26.51
N ALA B 250 7.36 7.36 26.61
CA ALA B 250 8.18 6.33 25.97
C ALA B 250 9.08 5.70 27.02
N GLY B 251 9.08 4.38 27.11
CA GLY B 251 9.83 3.70 28.13
C GLY B 251 9.17 2.43 28.62
N ASN B 252 9.25 2.19 29.92
CA ASN B 252 8.82 0.91 30.44
C ASN B 252 7.89 1.05 31.63
N ALA B 253 8.41 1.50 32.76
CA ALA B 253 7.55 1.78 33.89
C ALA B 253 6.53 2.84 33.44
N VAL B 254 7.05 3.96 32.92
CA VAL B 254 6.22 5.09 32.55
C VAL B 254 5.12 4.70 31.59
N GLU B 255 5.39 3.76 30.68
CA GLU B 255 4.36 3.33 29.76
C GLU B 255 3.34 2.45 30.45
N VAL B 256 3.79 1.71 31.47
CA VAL B 256 2.85 0.93 32.25
C VAL B 256 1.91 1.89 33.00
N ARG B 257 2.48 2.92 33.63
CA ARG B 257 1.70 3.90 34.34
C ARG B 257 0.63 4.45 33.43
N GLU B 258 1.03 4.83 32.23
CA GLU B 258 0.09 5.40 31.26
C GLU B 258 -1.02 4.42 30.92
N ALA B 259 -0.68 3.13 30.85
CA ALA B 259 -1.69 2.10 30.60
C ALA B 259 -2.76 2.10 31.67
N VAL B 260 -2.32 2.24 32.91
CA VAL B 260 -3.20 2.19 34.06
C VAL B 260 -4.14 3.39 34.03
N GLN B 261 -3.55 4.57 33.95
CA GLN B 261 -4.33 5.80 33.93
C GLN B 261 -5.27 5.85 32.70
N PHE B 262 -4.95 5.07 31.67
CA PHE B 262 -5.78 5.00 30.47
C PHE B 262 -7.03 4.19 30.76
N LEU B 263 -6.87 3.06 31.43
CA LEU B 263 -8.00 2.20 31.76
C LEU B 263 -8.91 2.83 32.82
N THR B 264 -8.33 3.22 33.96
CA THR B 264 -9.11 3.81 35.04
C THR B 264 -9.82 5.06 34.53
N GLY B 265 -9.08 5.97 33.92
CA GLY B 265 -9.68 7.13 33.30
C GLY B 265 -9.00 8.40 33.76
N GLU B 266 -7.92 8.28 34.50
CA GLU B 266 -7.23 9.43 34.98
C GLU B 266 -6.80 10.23 33.80
N TYR B 267 -6.40 9.54 32.75
CA TYR B 267 -5.98 10.20 31.56
C TYR B 267 -6.12 9.27 30.40
N ARG B 268 -6.36 9.82 29.22
CA ARG B 268 -6.30 9.08 28.00
C ARG B 268 -5.73 9.96 26.93
N ASN B 269 -4.68 9.52 26.28
CA ASN B 269 -4.11 10.24 25.16
C ASN B 269 -5.08 10.08 24.01
N PRO B 270 -5.49 11.20 23.41
CA PRO B 270 -6.52 11.18 22.36
C PRO B 270 -6.11 10.25 21.21
N ARG B 271 -4.88 10.41 20.73
CA ARG B 271 -4.34 9.58 19.65
C ARG B 271 -4.09 8.14 20.08
N LEU B 272 -3.66 7.94 21.31
CA LEU B 272 -3.49 6.57 21.83
C LEU B 272 -4.84 5.89 21.84
N PHE B 273 -5.89 6.68 22.11
CA PHE B 273 -7.26 6.19 22.21
C PHE B 273 -7.79 5.72 20.86
N ASP B 274 -7.56 6.53 19.83
CA ASP B 274 -8.03 6.21 18.48
C ASP B 274 -7.54 4.86 18.01
N VAL B 275 -6.23 4.65 18.12
CA VAL B 275 -5.62 3.42 17.63
C VAL B 275 -6.05 2.23 18.47
N THR B 276 -6.04 2.41 19.79
CA THR B 276 -6.37 1.34 20.71
C THR B 276 -7.81 0.88 20.51
N MET B 277 -8.68 1.85 20.25
CA MET B 277 -10.09 1.55 20.06
C MET B 277 -10.34 0.82 18.73
N ALA B 278 -9.81 1.38 17.65
CA ALA B 278 -9.96 0.80 16.32
C ALA B 278 -9.40 -0.63 16.24
N LEU B 279 -8.25 -0.88 16.87
CA LEU B 279 -7.72 -2.24 16.88
C LEU B 279 -8.68 -3.15 17.66
N CYS B 280 -9.14 -2.69 18.82
CA CYS B 280 -10.07 -3.47 19.63
C CYS B 280 -11.39 -3.71 18.89
N VAL B 281 -11.76 -2.80 17.99
CA VAL B 281 -13.01 -2.93 17.28
C VAL B 281 -12.93 -4.07 16.30
N GLU B 282 -11.84 -4.10 15.54
CA GLU B 282 -11.55 -5.21 14.64
C GLU B 282 -11.66 -6.54 15.37
N MET B 283 -11.04 -6.63 16.55
CA MET B 283 -11.03 -7.89 17.28
C MET B 283 -12.44 -8.29 17.65
N LEU B 284 -13.26 -7.29 17.97
CA LEU B 284 -14.67 -7.54 18.30
C LEU B 284 -15.51 -7.98 17.10
N ILE B 285 -15.25 -7.38 15.95
CA ILE B 285 -16.01 -7.72 14.76
C ILE B 285 -15.46 -8.99 14.12
N SER B 286 -14.14 -9.02 13.86
CA SER B 286 -13.48 -10.24 13.40
C SER B 286 -13.82 -11.40 14.32
N GLY B 287 -13.99 -11.08 15.59
CA GLY B 287 -14.22 -12.10 16.59
C GLY B 287 -15.67 -12.25 17.03
N GLN B 288 -16.60 -11.95 16.15
CA GLN B 288 -17.97 -12.35 16.36
C GLN B 288 -18.58 -11.83 17.65
N LEU B 289 -18.12 -10.70 18.15
CA LEU B 289 -18.65 -10.12 19.39
C LEU B 289 -19.41 -8.82 19.17
N ALA B 290 -19.18 -8.21 18.02
CA ALA B 290 -19.93 -7.06 17.60
C ALA B 290 -20.29 -7.18 16.13
N LYS B 291 -21.55 -6.99 15.79
CA LYS B 291 -21.94 -6.96 14.39
C LYS B 291 -21.37 -5.81 13.63
N ASP B 292 -21.16 -4.70 14.29
CA ASP B 292 -20.78 -3.50 13.59
C ASP B 292 -19.87 -2.64 14.41
N ASP B 293 -19.30 -1.66 13.75
CA ASP B 293 -18.29 -0.87 14.40
C ASP B 293 -18.86 -0.18 15.60
N ALA B 294 -20.04 0.37 15.44
CA ALA B 294 -20.61 1.20 16.47
C ALA B 294 -20.92 0.44 17.72
N GLU B 295 -21.42 -0.75 17.56
CA GLU B 295 -21.67 -1.58 18.70
C GLU B 295 -20.36 -1.91 19.36
N ALA B 296 -19.37 -2.15 18.53
CA ALA B 296 -18.05 -2.49 19.04
C ALA B 296 -17.51 -1.34 19.90
N ARG B 297 -17.49 -0.13 19.35
CA ARG B 297 -16.98 1.00 20.10
C ARG B 297 -17.82 1.23 21.34
N ALA B 298 -19.09 0.83 21.26
CA ALA B 298 -20.02 1.02 22.38
C ALA B 298 -19.70 0.05 23.49
N LYS B 299 -19.41 -1.20 23.15
CA LYS B 299 -19.08 -2.20 24.17
C LYS B 299 -17.71 -1.90 24.82
N LEU B 300 -16.81 -1.29 24.06
CA LEU B 300 -15.46 -1.00 24.53
C LEU B 300 -15.44 0.24 25.41
N GLN B 301 -16.11 1.28 24.96
CA GLN B 301 -16.20 2.51 25.74
C GLN B 301 -16.91 2.22 27.06
N ALA B 302 -17.84 1.27 27.02
CA ALA B 302 -18.55 0.88 28.23
C ALA B 302 -17.58 0.33 29.27
N VAL B 303 -16.77 -0.65 28.89
CA VAL B 303 -15.86 -1.29 29.85
C VAL B 303 -14.66 -0.41 30.18
N LEU B 304 -14.42 0.58 29.35
CA LEU B 304 -13.44 1.61 29.66
C LEU B 304 -13.96 2.57 30.72
N ASP B 305 -15.28 2.66 30.83
CA ASP B 305 -15.92 3.69 31.65
C ASP B 305 -16.76 3.13 32.79
N ASN B 306 -16.88 1.81 32.89
CA ASN B 306 -17.43 1.21 34.10
C ASN B 306 -16.35 0.56 34.97
N GLY B 307 -15.10 0.95 34.75
CA GLY B 307 -13.96 0.36 35.46
C GLY B 307 -13.71 -1.13 35.25
N LYS B 308 -14.36 -1.70 34.24
CA LYS B 308 -14.25 -3.14 33.99
C LYS B 308 -12.89 -3.52 33.41
N ALA B 309 -12.53 -2.87 32.31
CA ALA B 309 -11.27 -3.12 31.62
C ALA B 309 -10.13 -2.94 32.60
N ALA B 310 -10.21 -1.89 33.41
CA ALA B 310 -9.17 -1.60 34.39
C ALA B 310 -9.01 -2.74 35.39
N GLU B 311 -10.13 -3.35 35.76
CA GLU B 311 -10.16 -4.44 36.73
C GLU B 311 -9.61 -5.71 36.11
N VAL B 312 -9.88 -5.90 34.81
CA VAL B 312 -9.36 -7.05 34.09
C VAL B 312 -7.84 -6.97 34.06
N PHE B 313 -7.31 -5.78 33.77
CA PHE B 313 -5.88 -5.56 33.83
C PHE B 313 -5.32 -5.85 35.22
N GLY B 314 -6.13 -5.52 36.25
CA GLY B 314 -5.73 -5.71 37.62
C GLY B 314 -5.57 -7.19 37.94
N ARG B 315 -6.50 -7.99 37.43
CA ARG B 315 -6.50 -9.43 37.66
C ARG B 315 -5.38 -10.11 36.87
N MET B 316 -5.06 -9.57 35.70
CA MET B 316 -4.08 -10.19 34.82
C MET B 316 -2.67 -10.02 35.38
N VAL B 317 -2.40 -8.82 35.90
CA VAL B 317 -1.16 -8.53 36.60
C VAL B 317 -1.01 -9.50 37.75
N ALA B 318 -2.04 -9.52 38.59
CA ALA B 318 -2.08 -10.43 39.74
C ALA B 318 -1.85 -11.88 39.33
N ALA B 319 -2.45 -12.30 38.23
CA ALA B 319 -2.36 -13.68 37.79
C ALA B 319 -0.93 -14.07 37.49
N GLN B 320 -0.18 -13.11 36.99
CA GLN B 320 1.18 -13.31 36.56
C GLN B 320 2.17 -12.95 37.62
N LYS B 321 1.69 -12.89 38.84
CA LYS B 321 2.50 -12.66 40.03
C LYS B 321 2.96 -11.26 40.07
N GLY B 322 2.12 -10.37 39.60
CA GLY B 322 2.21 -8.97 39.94
C GLY B 322 1.50 -8.76 41.26
N PRO B 323 1.79 -7.64 41.91
CA PRO B 323 1.06 -7.24 43.12
C PRO B 323 -0.42 -7.12 42.80
N SER B 324 -1.28 -7.63 43.67
CA SER B 324 -2.71 -7.64 43.45
C SER B 324 -3.39 -6.29 43.35
N ASP B 325 -2.80 -5.28 43.98
CA ASP B 325 -3.34 -3.93 44.00
C ASP B 325 -2.60 -2.97 43.10
N PHE B 326 -2.03 -3.45 42.01
CA PHE B 326 -1.26 -2.58 41.13
C PHE B 326 -2.00 -1.44 40.50
N VAL B 327 -3.21 -1.70 40.04
CA VAL B 327 -4.00 -0.62 39.45
C VAL B 327 -4.20 0.53 40.42
N GLU B 328 -4.36 0.22 41.71
CA GLU B 328 -4.63 1.27 42.69
C GLU B 328 -3.37 1.86 43.31
N ASN B 329 -2.26 1.12 43.32
CA ASN B 329 -1.04 1.62 43.97
C ASN B 329 0.18 1.51 43.08
N TYR B 330 0.02 1.83 41.80
CA TYR B 330 1.10 1.66 40.86
C TYR B 330 2.32 2.54 41.18
N ASP B 331 2.07 3.77 41.65
CA ASP B 331 3.19 4.65 42.02
C ASP B 331 4.09 3.98 43.04
N LYS B 332 3.53 3.06 43.81
CA LYS B 332 4.25 2.39 44.88
C LYS B 332 5.12 1.23 44.36
N TYR B 333 4.73 0.68 43.22
CA TYR B 333 5.38 -0.51 42.69
C TYR B 333 6.33 -0.22 41.54
N LEU B 334 5.95 0.73 40.69
CA LEU B 334 6.81 1.14 39.59
C LEU B 334 7.99 1.92 40.12
N PRO B 335 9.17 1.69 39.54
CA PRO B 335 10.40 2.34 39.98
C PRO B 335 10.53 3.78 39.46
N THR B 336 11.04 4.63 40.33
CA THR B 336 11.21 6.03 39.98
C THR B 336 12.61 6.27 39.45
N ALA B 337 12.70 6.86 38.27
CA ALA B 337 13.99 7.28 37.74
C ALA B 337 14.64 8.23 38.73
N MET B 338 15.96 8.29 38.75
CA MET B 338 16.66 9.11 39.73
C MET B 338 16.61 10.59 39.33
N LEU B 339 16.54 10.86 38.03
CA LEU B 339 16.43 12.23 37.58
C LEU B 339 15.27 12.39 36.62
N SER B 340 14.35 13.29 36.98
CA SER B 340 13.23 13.64 36.15
C SER B 340 13.27 15.15 35.95
N LYS B 341 13.34 15.58 34.70
CA LYS B 341 13.71 16.95 34.41
C LYS B 341 13.40 17.26 32.96
N ALA B 342 12.78 18.43 32.72
CA ALA B 342 12.20 18.74 31.42
C ALA B 342 13.22 19.29 30.42
N VAL B 343 12.93 19.07 29.14
CA VAL B 343 13.75 19.56 28.05
C VAL B 343 12.93 20.47 27.16
N TYR B 344 13.49 21.63 26.81
CA TYR B 344 12.75 22.57 25.97
C TYR B 344 13.41 22.68 24.61
N ALA B 345 12.81 23.45 23.71
CA ALA B 345 13.43 23.71 22.42
C ALA B 345 14.38 24.90 22.53
N ASP B 346 15.24 25.03 21.55
CA ASP B 346 16.16 26.16 21.52
C ASP B 346 15.64 27.24 20.56
N THR B 347 14.36 27.16 20.19
CA THR B 347 13.73 28.12 19.27
C THR B 347 12.21 28.05 19.41
N GLU B 348 11.53 29.17 19.22
CA GLU B 348 10.07 29.17 19.18
C GLU B 348 9.58 28.66 17.82
N GLY B 349 8.33 28.21 17.78
CA GLY B 349 7.76 27.65 16.57
C GLY B 349 6.71 26.60 16.89
N PHE B 350 6.26 25.91 15.85
CA PHE B 350 5.33 24.79 16.01
C PHE B 350 6.10 23.51 15.76
N ILE B 351 5.72 22.42 16.40
CA ILE B 351 6.39 21.16 16.13
C ILE B 351 5.93 20.65 14.76
N SER B 352 6.89 20.60 13.83
CA SER B 352 6.62 20.29 12.43
C SER B 352 6.80 18.81 12.09
N ALA B 353 7.73 18.16 12.78
CA ALA B 353 7.96 16.73 12.60
C ALA B 353 8.88 16.23 13.70
N MET B 354 8.83 14.92 13.94
CA MET B 354 9.83 14.33 14.81
C MET B 354 10.24 12.95 14.32
N ASP B 355 11.54 12.69 14.39
CA ASP B 355 12.11 11.40 14.05
C ASP B 355 11.84 10.42 15.18
N THR B 356 10.90 9.52 14.95
CA THR B 356 10.45 8.59 15.98
C THR B 356 11.52 7.53 16.18
N ARG B 357 12.12 7.10 15.09
CA ARG B 357 13.22 6.16 15.14
C ARG B 357 14.32 6.67 16.07
N ALA B 358 14.69 7.94 15.92
CA ALA B 358 15.75 8.52 16.73
C ALA B 358 15.36 8.60 18.19
N LEU B 359 14.08 8.87 18.44
CA LEU B 359 13.58 9.02 19.79
C LEU B 359 13.63 7.69 20.53
N GLY B 360 13.09 6.64 19.92
CA GLY B 360 13.20 5.30 20.45
C GLY B 360 14.65 4.92 20.72
N MET B 361 15.54 5.28 19.81
CA MET B 361 16.96 5.03 19.99
C MET B 361 17.56 5.82 21.16
N ALA B 362 16.99 6.99 21.43
CA ALA B 362 17.42 7.82 22.56
C ALA B 362 17.11 7.12 23.87
N VAL B 363 15.97 6.44 23.91
CA VAL B 363 15.49 5.73 25.10
C VAL B 363 16.32 4.50 25.37
N VAL B 364 16.64 3.76 24.31
CA VAL B 364 17.54 2.62 24.42
C VAL B 364 18.88 3.05 25.01
N SER B 365 19.40 4.19 24.52
CA SER B 365 20.67 4.71 25.00
C SER B 365 20.63 5.07 26.48
N MET B 366 19.47 5.51 26.95
CA MET B 366 19.32 5.83 28.36
C MET B 366 19.49 4.59 29.24
N GLY B 367 19.22 3.42 28.68
CA GLY B 367 19.25 2.18 29.43
C GLY B 367 17.91 1.50 29.51
N GLY B 368 16.99 1.88 28.62
CA GLY B 368 15.66 1.32 28.63
C GLY B 368 15.45 0.30 27.53
N GLY B 369 16.54 -0.13 26.90
CA GLY B 369 16.45 -1.07 25.79
C GLY B 369 17.64 -2.02 25.72
N ARG B 370 17.65 -2.90 24.72
CA ARG B 370 18.80 -3.78 24.57
C ARG B 370 19.42 -3.73 23.20
N ARG B 371 20.66 -3.27 23.12
CA ARG B 371 21.43 -3.46 21.91
C ARG B 371 21.78 -4.93 21.74
N GLN B 372 22.24 -5.52 22.83
CA GLN B 372 22.66 -6.91 22.84
C GLN B 372 21.99 -7.59 23.99
N ALA B 373 21.35 -8.71 23.72
CA ALA B 373 20.45 -9.30 24.72
C ALA B 373 21.08 -9.50 26.11
N SER B 374 22.40 -9.36 26.20
CA SER B 374 23.11 -9.49 27.46
C SER B 374 22.74 -8.36 28.43
N ASP B 375 22.31 -7.24 27.88
CA ASP B 375 22.12 -6.00 28.63
C ASP B 375 21.01 -6.02 29.69
N THR B 376 21.23 -5.21 30.74
CA THR B 376 20.24 -4.97 31.77
C THR B 376 19.39 -3.75 31.40
N ILE B 377 18.07 -3.87 31.56
CA ILE B 377 17.16 -2.75 31.35
C ILE B 377 16.90 -1.98 32.64
N ASP B 378 17.20 -0.68 32.62
CA ASP B 378 16.76 0.24 33.68
C ASP B 378 15.29 0.61 33.42
N TYR B 379 14.37 -0.06 34.09
CA TYR B 379 12.95 0.12 33.85
C TYR B 379 12.32 1.49 34.12
N SER B 380 12.97 2.32 34.90
CA SER B 380 12.44 3.62 35.24
C SER B 380 12.78 4.77 34.30
N VAL B 381 13.56 4.51 33.27
CA VAL B 381 13.95 5.57 32.37
C VAL B 381 13.03 5.74 31.18
N GLY B 382 13.06 6.93 30.60
CA GLY B 382 12.23 7.24 29.45
C GLY B 382 11.70 8.66 29.37
N PHE B 383 10.67 8.84 28.56
CA PHE B 383 10.02 10.13 28.39
C PHE B 383 8.60 10.12 28.92
N THR B 384 8.11 11.29 29.36
CA THR B 384 6.70 11.48 29.67
C THR B 384 6.26 12.88 29.26
N ASP B 385 4.96 13.15 29.36
CA ASP B 385 4.39 14.45 29.00
C ASP B 385 4.93 14.90 27.64
N MET B 386 4.93 13.98 26.69
CA MET B 386 5.48 14.24 25.36
C MET B 386 4.67 15.27 24.60
N ALA B 387 5.36 16.28 24.08
CA ALA B 387 4.76 17.23 23.15
C ALA B 387 4.33 16.47 21.90
N ARG B 388 3.46 17.07 21.10
CA ARG B 388 2.94 16.36 19.94
C ARG B 388 3.17 17.12 18.64
N LEU B 389 2.92 16.45 17.52
CA LEU B 389 2.91 17.13 16.22
C LEU B 389 1.81 18.17 16.24
N GLY B 390 2.19 19.44 16.07
CA GLY B 390 1.19 20.51 16.03
C GLY B 390 1.37 21.55 17.11
N ASP B 391 1.70 21.11 18.32
CA ASP B 391 1.86 21.99 19.48
C ASP B 391 2.72 23.23 19.19
N SER B 392 2.50 24.29 19.95
CA SER B 392 3.27 25.52 19.81
C SER B 392 4.34 25.56 20.87
N ILE B 393 5.52 26.03 20.48
CA ILE B 393 6.69 25.97 21.34
C ILE B 393 7.19 27.37 21.72
N ASP B 394 7.36 27.59 23.03
CA ASP B 394 7.97 28.81 23.56
C ASP B 394 8.78 28.41 24.79
N GLY B 395 9.42 29.38 25.45
CA GLY B 395 10.26 29.10 26.60
C GLY B 395 9.65 28.28 27.73
N GLN B 396 8.32 28.22 27.81
CA GLN B 396 7.64 27.45 28.86
C GLN B 396 6.91 26.20 28.35
N ARG B 397 7.16 25.83 27.11
CA ARG B 397 6.59 24.62 26.52
C ARG B 397 7.67 23.55 26.30
N PRO B 398 7.84 22.63 27.27
CA PRO B 398 8.88 21.61 27.14
C PRO B 398 8.49 20.53 26.13
N LEU B 399 9.48 19.98 25.44
CA LEU B 399 9.21 18.92 24.47
C LEU B 399 8.78 17.67 25.21
N ALA B 400 9.43 17.44 26.36
CA ALA B 400 9.14 16.27 27.17
C ALA B 400 9.79 16.39 28.54
N VAL B 401 9.37 15.53 29.45
CA VAL B 401 10.09 15.33 30.69
C VAL B 401 10.92 14.05 30.55
N ILE B 402 12.21 14.14 30.83
CA ILE B 402 13.09 13.00 30.60
C ILE B 402 13.46 12.33 31.91
N HIS B 403 13.23 11.02 31.97
CA HIS B 403 13.61 10.25 33.13
C HIS B 403 14.92 9.53 32.86
N ALA B 404 16.00 10.04 33.46
CA ALA B 404 17.34 9.54 33.19
C ALA B 404 17.99 8.96 34.43
N LYS B 405 18.96 8.08 34.19
CA LYS B 405 19.69 7.40 35.25
C LYS B 405 20.52 8.40 36.05
N ASP B 406 21.03 9.43 35.35
CA ASP B 406 21.91 10.42 35.95
C ASP B 406 22.05 11.65 35.06
N GLU B 407 22.84 12.62 35.51
CA GLU B 407 23.03 13.86 34.78
C GLU B 407 23.69 13.63 33.42
N ALA B 408 24.65 12.71 33.40
CA ALA B 408 25.36 12.38 32.18
C ALA B 408 24.41 11.91 31.08
N SER B 409 23.63 10.88 31.38
CA SER B 409 22.74 10.29 30.38
C SER B 409 21.56 11.20 30.05
N TRP B 410 21.27 12.17 30.92
CA TRP B 410 20.13 13.06 30.69
C TRP B 410 20.42 14.07 29.57
N GLN B 411 21.58 14.71 29.66
CA GLN B 411 21.99 15.68 28.63
C GLN B 411 21.99 14.98 27.28
N GLU B 412 22.59 13.79 27.25
CA GLU B 412 22.66 12.95 26.07
C GLU B 412 21.27 12.67 25.51
N ALA B 413 20.33 12.41 26.41
CA ALA B 413 18.94 12.20 26.01
C ALA B 413 18.35 13.53 25.55
N ALA B 414 18.65 14.60 26.30
CA ALA B 414 18.15 15.92 25.96
C ALA B 414 18.59 16.34 24.55
N LYS B 415 19.83 16.03 24.22
CA LYS B 415 20.39 16.44 22.93
C LYS B 415 19.76 15.66 21.77
N ALA B 416 19.60 14.35 21.97
CA ALA B 416 18.92 13.50 20.99
C ALA B 416 17.54 14.06 20.67
N VAL B 417 16.80 14.41 21.71
CA VAL B 417 15.43 14.86 21.58
C VAL B 417 15.36 16.20 20.81
N LYS B 418 16.16 17.17 21.25
CA LYS B 418 16.27 18.43 20.55
C LYS B 418 16.53 18.18 19.06
N ALA B 419 17.52 17.34 18.81
CA ALA B 419 17.96 17.02 17.46
C ALA B 419 16.91 16.23 16.67
N ALA B 420 15.96 15.62 17.37
CA ALA B 420 14.95 14.80 16.72
C ALA B 420 13.62 15.53 16.53
N ILE B 421 13.47 16.68 17.15
CA ILE B 421 12.22 17.43 16.99
C ILE B 421 12.44 18.75 16.26
N ILE B 422 11.77 18.87 15.12
CA ILE B 422 11.93 20.00 14.22
C ILE B 422 10.73 20.95 14.27
N LEU B 423 11.01 22.24 14.37
CA LEU B 423 9.97 23.25 14.46
C LEU B 423 9.86 24.10 13.19
N ASP B 424 8.82 24.93 13.14
CA ASP B 424 8.60 25.80 11.99
C ASP B 424 7.53 26.82 12.30
N ASP B 425 7.59 27.95 11.62
CA ASP B 425 6.54 28.95 11.69
C ASP B 425 5.24 28.34 11.19
N LYS B 426 5.35 27.53 10.15
CA LYS B 426 4.19 26.95 9.48
C LYS B 426 3.71 25.66 10.14
N ALA B 427 2.46 25.66 10.57
CA ALA B 427 1.82 24.45 11.07
C ALA B 427 1.53 23.50 9.91
N PRO B 428 2.19 22.33 9.88
CA PRO B 428 2.05 21.37 8.78
C PRO B 428 0.69 20.67 8.76
N ALA B 429 0.45 19.84 7.76
CA ALA B 429 -0.84 19.17 7.61
C ALA B 429 -1.06 18.12 8.70
N SER B 430 -2.26 18.11 9.28
CA SER B 430 -2.57 17.20 10.39
C SER B 430 -3.13 15.85 9.94
N THR B 431 -2.26 14.83 9.91
CA THR B 431 -2.64 13.47 9.51
C THR B 431 -3.49 12.75 10.57
N PRO B 432 -4.23 11.70 10.15
CA PRO B 432 -5.06 10.99 11.12
C PRO B 432 -4.33 9.90 11.92
N SER B 433 -5.02 9.36 12.92
CA SER B 433 -4.47 8.27 13.68
C SER B 433 -4.58 6.97 12.90
N VAL B 434 -5.66 6.81 12.14
CA VAL B 434 -5.82 5.61 11.36
C VAL B 434 -6.06 5.92 9.89
N TYR B 435 -5.08 5.66 9.05
CA TYR B 435 -5.20 5.91 7.62
C TYR B 435 -6.14 5.08 6.82
N ARG B 436 -6.13 3.79 7.01
CA ARG B 436 -6.99 2.91 6.25
C ARG B 436 -7.29 1.65 7.01
N ARG B 437 -8.37 1.02 6.65
CA ARG B 437 -8.75 -0.25 7.23
C ARG B 437 -8.77 -1.28 6.11
N ILE B 438 -8.38 -2.53 6.39
CA ILE B 438 -8.26 -3.52 5.34
C ILE B 438 -8.84 -4.88 5.71
N THR B 439 -9.97 -5.23 5.11
CA THR B 439 -10.54 -6.59 5.22
C THR B 439 -10.41 -7.27 3.89
N GLU B 440 -10.43 -6.43 2.86
CA GLU B 440 -10.41 -6.85 1.46
C GLU B 440 -9.14 -7.62 1.17
C1 CIT C . -0.48 3.94 -16.72
O1 CIT C . 0.24 3.45 -17.64
O2 CIT C . -1.26 3.18 -16.09
C2 CIT C . -0.38 5.41 -16.40
C3 CIT C . -1.67 6.13 -16.76
O7 CIT C . -1.29 7.43 -17.29
C4 CIT C . -2.48 5.38 -17.81
C5 CIT C . -1.94 5.78 -19.15
O3 CIT C . -1.71 4.92 -20.03
O4 CIT C . -1.68 6.99 -19.37
C6 CIT C . -2.57 6.27 -15.55
O5 CIT C . -3.46 5.41 -15.33
O6 CIT C . -2.43 7.23 -14.75
C1 CIT D . -10.60 6.84 -13.64
O1 CIT D . -10.74 5.60 -13.63
O2 CIT D . -10.90 7.50 -14.64
C2 CIT D . -10.05 7.48 -12.39
C3 CIT D . -10.76 8.74 -11.92
O7 CIT D . -11.57 9.20 -12.98
C4 CIT D . -11.72 8.54 -10.76
C5 CIT D . -12.69 9.66 -10.96
O3 CIT D . -12.50 10.74 -10.38
O4 CIT D . -13.63 9.46 -11.74
C6 CIT D . -9.80 9.80 -11.48
O5 CIT D . -8.76 9.49 -10.89
O6 CIT D . -10.09 10.97 -11.70
C1 PGE E . -1.34 -14.00 -37.30
O1 PGE E . -2.29 -14.65 -36.47
C2 PGE E . -0.62 -12.94 -36.48
O2 PGE E . -1.37 -11.75 -36.45
C3 PGE E . -2.02 -11.51 -35.20
C4 PGE E . -1.05 -10.85 -34.25
O4 PGE E . 2.81 -12.17 -34.13
C6 PGE E . 1.57 -11.45 -34.13
C5 PGE E . 0.60 -12.31 -33.33
O3 PGE E . -0.66 -11.70 -33.20
N1 URI F . 10.50 -9.00 12.36
C2 URI F . 9.55 -9.98 12.19
N3 URI F . 9.56 -10.55 10.93
C4 URI F . 10.42 -10.26 9.87
C5 URI F . 11.38 -9.24 10.16
C6 URI F . 11.38 -8.68 11.36
O2 URI F . 8.75 -10.29 13.05
O4 URI F . 10.32 -10.84 8.80
C1' URI F . 10.57 -8.34 13.68
C2' URI F . 11.86 -7.53 13.85
C3' URI F . 11.40 -6.14 13.40
C4' URI F . 9.96 -6.08 13.91
O2' URI F . 12.23 -7.52 15.22
O3' URI F . 12.21 -5.08 13.88
O4' URI F . 9.48 -7.44 13.79
C5' URI F . 9.03 -5.16 13.15
O5' URI F . 7.68 -5.53 13.33
N1 URI G . -0.56 13.79 31.80
C2 URI G . -1.39 14.75 31.20
N3 URI G . -1.21 14.93 29.86
C4 URI G . -0.30 14.26 29.06
C5 URI G . 0.51 13.29 29.75
C6 URI G . 0.36 13.09 31.07
O2 URI G . -2.21 15.38 31.83
O4 URI G . -0.25 14.53 27.85
C1' URI G . -0.77 13.60 33.24
C2' URI G . -1.04 12.17 33.69
C3' URI G . -0.79 12.31 35.19
C4' URI G . 0.37 13.31 35.26
O2' URI G . -2.35 11.78 33.38
O3' URI G . -1.94 12.90 35.78
O4' URI G . 0.38 14.00 33.97
C5' URI G . 1.73 12.72 35.52
O5' URI G . 1.94 12.53 36.91
C1 CIT H . 3.87 -9.58 19.40
O1 CIT H . 4.31 -10.74 19.46
O2 CIT H . 2.63 -9.43 19.25
C2 CIT H . 4.81 -8.39 19.49
C3 CIT H . 4.01 -7.15 19.90
O7 CIT H . 3.03 -6.84 18.87
C4 CIT H . 3.30 -7.37 21.23
C5 CIT H . 2.18 -6.39 21.16
O3 CIT H . 1.46 -6.32 20.14
O4 CIT H . 2.00 -5.64 22.13
C6 CIT H . 4.86 -5.93 20.14
O5 CIT H . 6.01 -6.00 20.65
O6 CIT H . 4.37 -4.81 19.84
#